data_4Q9L
#
_entry.id   4Q9L
#
_cell.length_a   86.340
_cell.length_b   138.420
_cell.length_c   184.960
_cell.angle_alpha   90.00
_cell.angle_beta   90.00
_cell.angle_gamma   90.00
#
_symmetry.space_group_name_H-M   'P 21 21 21'
#
loop_
_entity.id
_entity.type
_entity.pdbx_description
1 polymer 'Multidrug resistance protein 1A'
2 polymer '(30F)F(30F)F(30F)F Peptide'
#
loop_
_entity_poly.entity_id
_entity_poly.type
_entity_poly.pdbx_seq_one_letter_code
_entity_poly.pdbx_strand_id
1 'polypeptide(L)'
;MELEEDLKGRADKNFSKMGKKSKKEKKEKKPAVSVLTMFRYAGWLDRLYMLVGTLAAIIHGVALPLMMLIFGDMTDSFAS
VGQVSKQSTQMSEADKRAMFAKLEEEMTTYAYYYTGIGAGVLIVAYIQVSFWCLAAGRQIHKIRQKFFHAIMNQEIGWFD
VHDVGELNTRLTDDVSKINEGIGDKIGMFFQAMATFFGGFIIGFTRGWKLTLVILAISPVLGLSAGIWAKILSSFTDKEL
HAYAKAGAVAEEVLAAIRTVIAFGGQKKELERYNNNLEEAKRLGIKKAITANISMGAAFLLIYASYALAFWYGTSLVISK
EYSIGQVLTVFFSVLIGAFSVGQASPNIEAFANARGAAYEVFKIIDNKPSIDSFSKSGHKPDNIQGNLEFKNIHFSYPSR
KEVQILKGLNLKVKSGQTVALVGNSGCGKSTTVQLMQRLYDPLDGMVSIDGQDIRTINVRYLREIIGVVSQEPVLFATTI
AENIRYGREDVTMDEIEKAVKEANAYDFIMKLPHQFDTLVGERGAQLSGGQKQRIAIARALVRNPKILLLDEATSALDTE
SEAVVQAALDKAREGRTTIVIAHRLSTVRNADVIAGFDGGVIVEQGNHDELMREKGIYFKLVMTQTAGNEIELGNEACKS
KDEIDNLDMSSKDSGSSLIRRRSTRKSICGPHDQDRKLSTKEALDEDVPPASFWRILKLNSTEWPYFVVGIFCAIINGGL
QPAFSVIFSKVVGVFTNGGPPETQRQNSNLFSLLFLILGIISFITFFLQGFTFGKAGEILTKRLRYMVFKSMLRQDVSWF
DDPKNTTGALTTRLANDAAQVKGATGSRLAVIFQNIANLGTGIIISLIYGWQLTLLLLAIVPIIAIAGVVEMKMLSGQAL
KDKKELEGSGKIATEAIENFRTVVSLTREQKFETMYAQSLQIPYRNAMKKAHVFGITFSFTQAMMYFSYAACFRFGAYLV
TQQLMTFENVLLVFSAIVFGAMAVGQVSSFAPDYAKATVSASHIIRIIEKTPEIDSYSTQGLKPNMLEGNVQFSGVVFNY
PTRPSIPVLQGLSLEVKKGQTLALVGSSGCGKSTVVQLLERFYDPMAGSVFLDGKEIKQLNVQWLRAQLGIVSQEPILFD
CSIAENIAYGDNSRVVSYEEIVRAAKEANIHQFIDSLPDKYNTRVGDKGTQLSGGQKQRIAIARALVRQPHILLLDEATS
ALDTESEKVVQEALDKAREGRTCIVIAHRLSTIQNADLIVVIQNGKVKEHGTHQQLLAQKGIYFSMVSVQAGAKRSLEHH
HHHH
;
A
2 'polypeptide(L)' (30F)F(30F)F(30F)F B,C
#
# COMPACT_ATOMS: atom_id res chain seq x y z
N LYS A 30 13.89 16.02 4.85
CA LYS A 30 15.19 16.48 5.34
C LYS A 30 15.12 17.85 6.01
N PRO A 31 14.39 18.82 5.41
CA PRO A 31 14.37 20.11 6.08
C PRO A 31 13.63 20.05 7.41
N ALA A 32 14.10 20.81 8.39
CA ALA A 32 13.56 20.73 9.74
C ALA A 32 12.82 22.02 10.09
N VAL A 33 12.34 22.06 11.34
CA VAL A 33 11.59 23.21 11.84
C VAL A 33 12.12 23.59 13.22
N SER A 34 12.25 24.88 13.47
CA SER A 34 12.71 25.35 14.77
C SER A 34 11.77 24.81 15.84
N VAL A 35 12.36 24.37 16.95
CA VAL A 35 11.60 23.69 17.99
C VAL A 35 10.48 24.58 18.54
N LEU A 36 10.69 25.89 18.55
CA LEU A 36 9.71 26.81 19.12
C LEU A 36 8.53 27.06 18.17
N THR A 37 8.80 27.12 16.87
CA THR A 37 7.77 27.44 15.90
C THR A 37 6.75 26.31 15.79
N MET A 38 7.22 25.09 16.00
CA MET A 38 6.36 23.91 15.91
C MET A 38 5.25 23.92 16.96
N PHE A 39 5.55 24.51 18.11
CA PHE A 39 4.63 24.56 19.24
C PHE A 39 3.83 25.87 19.28
N ARG A 40 3.97 26.70 18.24
CA ARG A 40 3.41 28.04 18.22
C ARG A 40 1.92 28.08 18.58
N TYR A 41 1.23 26.96 18.39
CA TYR A 41 -0.21 26.89 18.65
C TYR A 41 -0.53 26.44 20.08
N ALA A 42 0.51 26.12 20.84
CA ALA A 42 0.36 25.81 22.26
C ALA A 42 0.62 27.06 23.09
N GLY A 43 -0.34 27.42 23.92
CA GLY A 43 -0.21 28.56 24.80
C GLY A 43 -1.06 28.39 26.04
N TRP A 44 -0.68 29.08 27.12
CA TRP A 44 -1.40 28.97 28.38
C TRP A 44 -1.45 27.50 28.83
N LEU A 45 -2.65 26.94 28.88
CA LEU A 45 -2.87 25.60 29.42
C LEU A 45 -2.01 24.51 28.77
N ASP A 46 -1.66 24.68 27.50
CA ASP A 46 -0.88 23.68 26.79
C ASP A 46 0.52 23.56 27.39
N ARG A 47 1.20 24.69 27.50
CA ARG A 47 2.53 24.75 28.08
C ARG A 47 2.51 24.22 29.52
N LEU A 48 1.44 24.55 30.23
CA LEU A 48 1.24 24.07 31.59
C LEU A 48 1.15 22.55 31.61
N TYR A 49 0.26 22.00 30.79
CA TYR A 49 0.13 20.55 30.64
C TYR A 49 1.46 19.90 30.33
N MET A 50 2.21 20.49 29.39
CA MET A 50 3.50 19.95 29.01
C MET A 50 4.49 20.01 30.17
N LEU A 51 4.46 21.09 30.94
CA LEU A 51 5.34 21.24 32.09
C LEU A 51 5.02 20.22 33.20
N VAL A 52 3.78 20.21 33.65
CA VAL A 52 3.35 19.27 34.67
C VAL A 52 3.52 17.85 34.15
N GLY A 53 3.29 17.68 32.85
CA GLY A 53 3.41 16.39 32.21
C GLY A 53 4.83 15.87 32.25
N THR A 54 5.77 16.66 31.73
CA THR A 54 7.16 16.24 31.68
C THR A 54 7.72 16.11 33.11
N LEU A 55 7.25 16.97 34.01
CA LEU A 55 7.58 16.84 35.43
C LEU A 55 7.19 15.45 35.94
N ALA A 56 5.89 15.19 35.91
CA ALA A 56 5.35 13.90 36.35
C ALA A 56 6.07 12.75 35.63
N ALA A 57 6.42 12.96 34.37
CA ALA A 57 7.16 11.96 33.61
C ALA A 57 8.52 11.68 34.25
N ILE A 58 9.25 12.75 34.55
CA ILE A 58 10.57 12.60 35.17
C ILE A 58 10.44 11.91 36.53
N ILE A 59 9.40 12.25 37.28
CA ILE A 59 9.12 11.57 38.54
C ILE A 59 8.90 10.07 38.32
N HIS A 60 7.96 9.74 37.43
CA HIS A 60 7.69 8.37 37.04
C HIS A 60 9.00 7.65 36.68
N GLY A 61 9.85 8.35 35.95
CA GLY A 61 11.14 7.80 35.58
C GLY A 61 11.99 7.48 36.80
N VAL A 62 12.18 8.47 37.67
CA VAL A 62 12.99 8.27 38.87
C VAL A 62 12.42 7.18 39.77
N ALA A 63 11.11 6.98 39.75
CA ALA A 63 10.44 5.98 40.58
C ALA A 63 11.06 4.57 40.54
N LEU A 64 11.35 4.06 39.35
CA LEU A 64 11.77 2.66 39.21
C LEU A 64 13.13 2.36 39.85
N PRO A 65 14.17 3.14 39.51
CA PRO A 65 15.49 2.81 40.08
C PRO A 65 15.51 2.90 41.61
N LEU A 66 14.61 3.69 42.19
CA LEU A 66 14.44 3.73 43.64
C LEU A 66 13.91 2.40 44.14
N MET A 67 13.13 1.73 43.30
CA MET A 67 12.57 0.43 43.64
C MET A 67 13.69 -0.58 43.83
N MET A 68 14.71 -0.50 42.98
CA MET A 68 15.85 -1.41 43.05
C MET A 68 16.80 -1.01 44.18
N LEU A 69 16.72 0.25 44.59
CA LEU A 69 17.52 0.72 45.71
C LEU A 69 17.06 0.04 46.99
N ILE A 70 15.75 0.02 47.20
CA ILE A 70 15.16 -0.64 48.36
C ILE A 70 15.42 -2.14 48.31
N PHE A 71 15.43 -2.70 47.10
CA PHE A 71 15.60 -4.14 46.91
C PHE A 71 16.93 -4.62 47.48
N GLY A 72 17.92 -3.75 47.49
CA GLY A 72 19.20 -4.06 48.10
C GLY A 72 19.12 -4.01 49.61
N ASP A 73 18.26 -3.13 50.11
CA ASP A 73 18.06 -2.99 51.55
C ASP A 73 17.29 -4.20 52.11
N MET A 74 16.46 -4.81 51.28
CA MET A 74 15.75 -6.01 51.68
C MET A 74 16.71 -7.18 51.81
N THR A 75 17.60 -7.30 50.82
CA THR A 75 18.59 -8.36 50.82
C THR A 75 19.48 -8.26 52.05
N ASP A 76 19.83 -7.03 52.41
CA ASP A 76 20.67 -6.78 53.59
C ASP A 76 19.98 -7.23 54.88
N SER A 77 18.67 -7.09 54.93
CA SER A 77 17.89 -7.51 56.09
C SER A 77 17.94 -9.02 56.26
N PHE A 78 17.64 -9.74 55.19
CA PHE A 78 17.70 -11.19 55.20
C PHE A 78 19.15 -11.66 55.31
N ALA A 79 20.08 -10.84 54.82
CA ALA A 79 21.50 -11.17 54.86
C ALA A 79 22.02 -11.11 56.29
N SER A 80 21.62 -10.07 57.01
CA SER A 80 22.03 -9.90 58.40
C SER A 80 21.51 -11.07 59.23
N VAL A 81 20.26 -11.46 58.98
CA VAL A 81 19.65 -12.56 59.71
C VAL A 81 20.13 -13.90 59.17
N GLY A 82 20.35 -13.96 57.86
CA GLY A 82 20.81 -15.18 57.21
C GLY A 82 22.16 -15.63 57.75
N GLN A 83 23.05 -14.68 57.97
CA GLN A 83 24.36 -14.98 58.53
C GLN A 83 24.23 -15.41 60.00
N VAL A 84 23.56 -14.58 60.79
CA VAL A 84 23.43 -14.81 62.23
C VAL A 84 22.63 -16.08 62.52
N SER A 85 21.60 -16.34 61.72
CA SER A 85 20.77 -17.53 61.92
C SER A 85 21.58 -18.80 61.77
N LYS A 86 22.48 -18.80 60.79
CA LYS A 86 23.32 -19.97 60.50
C LYS A 86 24.61 -19.95 61.32
N GLN A 87 24.90 -18.83 61.96
CA GLN A 87 26.14 -18.67 62.73
C GLN A 87 26.02 -19.26 64.12
N SER A 88 24.79 -19.52 64.56
CA SER A 88 24.56 -20.01 65.91
C SER A 88 24.94 -21.48 66.06
N THR A 89 24.11 -22.36 65.48
CA THR A 89 24.29 -23.79 65.60
C THR A 89 24.35 -24.23 67.06
N GLN A 90 23.75 -23.42 67.94
CA GLN A 90 23.69 -23.69 69.36
C GLN A 90 22.26 -23.51 69.88
N MET A 91 21.80 -22.26 69.84
CA MET A 91 20.49 -21.90 70.34
C MET A 91 19.50 -21.73 69.18
N SER A 92 18.26 -22.13 69.41
CA SER A 92 17.22 -22.10 68.39
C SER A 92 16.19 -21.01 68.70
N GLU A 93 15.49 -21.16 69.82
CA GLU A 93 14.43 -20.23 70.22
C GLU A 93 14.91 -18.77 70.24
N ALA A 94 16.17 -18.57 70.63
CA ALA A 94 16.73 -17.22 70.70
C ALA A 94 16.69 -16.52 69.35
N ASP A 95 16.78 -17.31 68.29
CA ASP A 95 16.74 -16.78 66.93
C ASP A 95 15.31 -16.46 66.49
N LYS A 96 14.33 -16.87 67.29
CA LYS A 96 12.93 -16.62 66.95
C LYS A 96 12.47 -15.25 67.46
N ARG A 97 13.36 -14.53 68.12
CA ARG A 97 13.01 -13.27 68.78
C ARG A 97 13.54 -12.04 68.04
N ALA A 98 14.86 -11.90 67.98
CA ALA A 98 15.48 -10.74 67.37
C ALA A 98 15.31 -10.72 65.85
N MET A 99 15.53 -11.89 65.24
CA MET A 99 15.47 -12.01 63.78
C MET A 99 14.08 -11.64 63.27
N PHE A 100 13.06 -12.28 63.85
CA PHE A 100 11.68 -12.06 63.44
C PHE A 100 11.24 -10.61 63.65
N ALA A 101 11.81 -9.96 64.67
CA ALA A 101 11.51 -8.56 64.96
C ALA A 101 12.15 -7.66 63.91
N LYS A 102 13.43 -7.92 63.62
CA LYS A 102 14.13 -7.20 62.57
C LYS A 102 13.37 -7.33 61.24
N LEU A 103 13.05 -8.57 60.87
CA LEU A 103 12.27 -8.80 59.65
C LEU A 103 10.92 -8.11 59.74
N GLU A 104 10.28 -8.18 60.90
CA GLU A 104 8.99 -7.51 61.09
C GLU A 104 9.10 -6.04 60.70
N GLU A 105 9.90 -5.29 61.46
CA GLU A 105 9.99 -3.84 61.23
C GLU A 105 10.51 -3.54 59.82
N GLU A 106 11.57 -4.22 59.42
CA GLU A 106 12.19 -3.96 58.13
C GLU A 106 11.24 -4.27 56.97
N MET A 107 10.72 -5.49 56.92
CA MET A 107 9.81 -5.90 55.85
C MET A 107 8.57 -5.02 55.82
N THR A 108 8.03 -4.68 57.00
CA THR A 108 6.88 -3.77 57.05
C THR A 108 7.26 -2.41 56.45
N THR A 109 8.43 -1.89 56.82
CA THR A 109 8.90 -0.63 56.27
C THR A 109 9.00 -0.69 54.74
N TYR A 110 9.70 -1.70 54.24
CA TYR A 110 9.92 -1.86 52.81
C TYR A 110 8.59 -2.02 52.05
N ALA A 111 7.69 -2.84 52.60
CA ALA A 111 6.38 -3.04 52.00
C ALA A 111 5.61 -1.73 51.95
N TYR A 112 5.64 -1.00 53.07
CA TYR A 112 5.02 0.31 53.14
C TYR A 112 5.57 1.23 52.05
N TYR A 113 6.89 1.25 51.91
CA TYR A 113 7.53 2.03 50.84
C TYR A 113 7.01 1.62 49.46
N TYR A 114 7.08 0.33 49.13
CA TYR A 114 6.59 -0.16 47.84
C TYR A 114 5.16 0.31 47.57
N THR A 115 4.29 0.08 48.56
CA THR A 115 2.92 0.56 48.46
C THR A 115 2.93 2.05 48.19
N GLY A 116 3.84 2.76 48.85
CA GLY A 116 4.04 4.17 48.59
C GLY A 116 4.38 4.46 47.14
N ILE A 117 5.31 3.71 46.58
CA ILE A 117 5.73 3.91 45.20
C ILE A 117 4.57 3.69 44.22
N GLY A 118 3.78 2.65 44.49
CA GLY A 118 2.64 2.32 43.63
C GLY A 118 1.69 3.48 43.33
N ALA A 119 1.19 4.12 44.38
CA ALA A 119 0.30 5.26 44.21
C ALA A 119 0.98 6.36 43.40
N GLY A 120 2.27 6.56 43.70
CA GLY A 120 3.05 7.57 43.02
C GLY A 120 3.09 7.32 41.53
N VAL A 121 3.56 6.14 41.13
CA VAL A 121 3.66 5.83 39.71
C VAL A 121 2.29 5.89 39.05
N LEU A 122 1.27 5.43 39.76
CA LEU A 122 -0.11 5.56 39.28
C LEU A 122 -0.41 7.02 38.88
N ILE A 123 -0.40 7.90 39.88
CA ILE A 123 -0.70 9.31 39.66
C ILE A 123 0.15 9.93 38.56
N VAL A 124 1.47 9.82 38.70
CA VAL A 124 2.37 10.49 37.75
C VAL A 124 2.20 9.94 36.33
N ALA A 125 1.96 8.63 36.22
CA ALA A 125 1.72 8.03 34.92
C ALA A 125 0.50 8.67 34.28
N TYR A 126 -0.61 8.66 35.01
CA TYR A 126 -1.83 9.27 34.48
C TYR A 126 -1.59 10.71 34.05
N ILE A 127 -1.05 11.51 34.98
CA ILE A 127 -0.76 12.92 34.70
C ILE A 127 0.01 13.05 33.40
N GLN A 128 1.12 12.34 33.32
CA GLN A 128 2.00 12.34 32.15
C GLN A 128 1.23 12.11 30.85
N VAL A 129 0.71 10.89 30.70
CA VAL A 129 0.11 10.50 29.42
C VAL A 129 -1.09 11.40 29.09
N SER A 130 -1.95 11.61 30.07
CA SER A 130 -3.16 12.40 29.86
C SER A 130 -2.79 13.81 29.40
N PHE A 131 -1.95 14.49 30.18
CA PHE A 131 -1.58 15.87 29.84
C PHE A 131 -0.95 15.96 28.46
N TRP A 132 0.03 15.10 28.18
CA TRP A 132 0.69 15.18 26.88
C TRP A 132 -0.28 14.90 25.73
N CYS A 133 -1.12 13.88 25.86
CA CYS A 133 -2.11 13.60 24.82
C CYS A 133 -3.09 14.77 24.64
N LEU A 134 -3.52 15.36 25.75
CA LEU A 134 -4.39 16.54 25.69
C LEU A 134 -3.74 17.64 24.88
N ALA A 135 -2.52 18.01 25.27
CA ALA A 135 -1.77 19.04 24.56
C ALA A 135 -1.70 18.72 23.07
N ALA A 136 -1.30 17.49 22.75
CA ALA A 136 -1.22 17.04 21.37
C ALA A 136 -2.52 17.29 20.61
N GLY A 137 -3.63 16.78 21.15
CA GLY A 137 -4.92 16.93 20.51
C GLY A 137 -5.28 18.40 20.29
N ARG A 138 -5.24 19.15 21.39
CA ARG A 138 -5.55 20.58 21.36
C ARG A 138 -4.76 21.29 20.26
N GLN A 139 -3.47 21.01 20.16
CA GLN A 139 -2.66 21.61 19.11
C GLN A 139 -3.06 21.15 17.71
N ILE A 140 -3.09 19.84 17.49
CA ILE A 140 -3.37 19.29 16.17
C ILE A 140 -4.71 19.79 15.61
N HIS A 141 -5.69 19.99 16.47
CA HIS A 141 -6.96 20.59 16.05
C HIS A 141 -6.70 21.92 15.32
N LYS A 142 -6.00 22.81 16.02
CA LYS A 142 -5.65 24.11 15.47
C LYS A 142 -4.82 23.96 14.20
N ILE A 143 -3.87 23.03 14.23
CA ILE A 143 -3.04 22.75 13.05
C ILE A 143 -3.91 22.43 11.85
N ARG A 144 -4.86 21.51 12.01
CA ARG A 144 -5.73 21.12 10.93
C ARG A 144 -6.55 22.29 10.40
N GLN A 145 -7.23 22.97 11.31
CA GLN A 145 -8.05 24.11 10.90
C GLN A 145 -7.22 25.16 10.14
N LYS A 146 -6.17 25.63 10.78
CA LYS A 146 -5.28 26.62 10.17
C LYS A 146 -4.74 26.13 8.82
N PHE A 147 -4.34 24.87 8.77
CA PHE A 147 -3.75 24.32 7.56
C PHE A 147 -4.77 24.32 6.43
N PHE A 148 -5.97 23.79 6.68
CA PHE A 148 -7.00 23.78 5.65
C PHE A 148 -7.29 25.22 5.18
N HIS A 149 -7.44 26.12 6.15
CA HIS A 149 -7.63 27.53 5.82
C HIS A 149 -6.55 28.03 4.87
N ALA A 150 -5.30 27.72 5.21
CA ALA A 150 -4.17 28.09 4.37
C ALA A 150 -4.29 27.47 2.98
N ILE A 151 -4.68 26.20 2.91
CA ILE A 151 -4.88 25.55 1.61
C ILE A 151 -5.90 26.32 0.79
N MET A 152 -7.02 26.66 1.42
CA MET A 152 -8.08 27.39 0.72
C MET A 152 -7.64 28.80 0.33
N ASN A 153 -6.81 29.41 1.17
CA ASN A 153 -6.38 30.80 0.94
C ASN A 153 -5.42 30.97 -0.23
N GLN A 154 -4.91 29.88 -0.78
CA GLN A 154 -3.94 29.97 -1.88
C GLN A 154 -4.56 30.48 -3.18
N GLU A 155 -3.78 31.27 -3.93
CA GLU A 155 -4.20 31.71 -5.25
C GLU A 155 -4.10 30.55 -6.23
N ILE A 156 -4.80 30.67 -7.36
CA ILE A 156 -4.88 29.57 -8.32
C ILE A 156 -3.53 29.28 -8.95
N GLY A 157 -2.71 30.31 -9.13
CA GLY A 157 -1.38 30.14 -9.68
C GLY A 157 -0.58 29.16 -8.84
N TRP A 158 -0.88 29.12 -7.55
CA TRP A 158 -0.18 28.23 -6.63
C TRP A 158 -0.63 26.79 -6.84
N PHE A 159 -1.90 26.59 -7.14
CA PHE A 159 -2.42 25.26 -7.40
C PHE A 159 -1.87 24.71 -8.71
N ASP A 160 -1.79 25.58 -9.71
CA ASP A 160 -1.40 25.17 -11.06
C ASP A 160 -0.09 24.40 -11.10
N VAL A 161 0.80 24.70 -10.16
CA VAL A 161 2.11 24.07 -10.14
C VAL A 161 2.22 22.88 -9.18
N HIS A 162 1.13 22.58 -8.46
CA HIS A 162 1.17 21.55 -7.41
C HIS A 162 0.11 20.45 -7.58
N ASP A 163 0.47 19.23 -7.18
CA ASP A 163 -0.44 18.09 -7.21
C ASP A 163 -1.39 18.13 -6.02
N VAL A 164 -2.69 18.16 -6.29
CA VAL A 164 -3.68 18.26 -5.23
C VAL A 164 -3.77 16.99 -4.39
N GLY A 165 -3.64 15.84 -5.05
CA GLY A 165 -3.70 14.56 -4.36
C GLY A 165 -2.61 14.46 -3.31
N GLU A 166 -1.38 14.75 -3.73
CA GLU A 166 -0.23 14.77 -2.84
C GLU A 166 -0.45 15.74 -1.69
N LEU A 167 -1.12 16.85 -1.98
CA LEU A 167 -1.37 17.88 -0.99
C LEU A 167 -2.41 17.44 0.05
N ASN A 168 -3.48 16.81 -0.42
CA ASN A 168 -4.50 16.28 0.48
C ASN A 168 -3.94 15.16 1.36
N THR A 169 -3.27 14.20 0.71
CA THR A 169 -2.62 13.11 1.43
C THR A 169 -1.58 13.68 2.38
N ARG A 170 -0.87 14.72 1.93
CA ARG A 170 0.10 15.41 2.78
C ARG A 170 -0.60 15.92 4.03
N LEU A 171 -1.74 16.59 3.85
CA LEU A 171 -2.54 17.04 4.98
C LEU A 171 -2.76 15.89 5.94
N THR A 172 -3.54 14.91 5.48
CA THR A 172 -4.01 13.83 6.35
C THR A 172 -2.87 13.08 7.03
N ASP A 173 -1.81 12.78 6.30
CA ASP A 173 -0.69 12.00 6.84
C ASP A 173 0.28 12.84 7.71
N ASP A 174 0.70 13.99 7.20
CA ASP A 174 1.70 14.78 7.91
C ASP A 174 1.14 15.32 9.21
N VAL A 175 -0.13 15.72 9.23
CA VAL A 175 -0.71 16.18 10.47
C VAL A 175 -0.70 15.03 11.50
N SER A 176 -0.85 13.80 11.01
CA SER A 176 -0.83 12.63 11.88
C SER A 176 0.59 12.39 12.40
N LYS A 177 1.59 12.54 11.54
CA LYS A 177 2.98 12.48 11.98
C LYS A 177 3.25 13.51 13.08
N ILE A 178 2.86 14.75 12.83
CA ILE A 178 2.99 15.80 13.85
C ILE A 178 2.29 15.36 15.13
N ASN A 179 1.09 14.80 14.99
CA ASN A 179 0.36 14.29 16.15
C ASN A 179 1.19 13.26 16.92
N GLU A 180 1.76 12.29 16.20
CA GLU A 180 2.62 11.29 16.83
C GLU A 180 3.83 11.93 17.50
N GLY A 181 4.35 13.00 16.90
CA GLY A 181 5.51 13.70 17.43
C GLY A 181 5.36 14.46 18.74
N ILE A 182 4.30 15.27 18.84
CA ILE A 182 4.09 16.10 20.02
C ILE A 182 3.30 15.36 21.08
N GLY A 183 3.03 14.08 20.82
CA GLY A 183 2.20 13.28 21.70
C GLY A 183 2.92 12.81 22.95
N ASP A 184 2.38 11.77 23.56
CA ASP A 184 2.91 11.21 24.79
C ASP A 184 4.34 10.70 24.66
N LYS A 185 4.82 10.59 23.42
CA LYS A 185 6.17 10.09 23.16
C LYS A 185 7.23 10.92 23.87
N ILE A 186 6.97 12.22 24.01
CA ILE A 186 7.89 13.11 24.71
C ILE A 186 7.99 12.72 26.18
N GLY A 187 6.83 12.49 26.80
CA GLY A 187 6.77 12.05 28.18
C GLY A 187 7.58 10.79 28.36
N MET A 188 7.37 9.82 27.47
CA MET A 188 8.13 8.58 27.50
C MET A 188 9.63 8.86 27.40
N PHE A 189 9.99 9.75 26.47
CA PHE A 189 11.39 10.12 26.29
C PHE A 189 12.02 10.65 27.59
N PHE A 190 11.40 11.68 28.16
CA PHE A 190 11.95 12.27 29.39
C PHE A 190 11.96 11.27 30.54
N GLN A 191 10.89 10.48 30.65
CA GLN A 191 10.83 9.40 31.63
C GLN A 191 12.02 8.45 31.49
N ALA A 192 12.30 8.03 30.26
CA ALA A 192 13.44 7.17 29.99
C ALA A 192 14.75 7.86 30.38
N MET A 193 14.89 9.12 30.00
CA MET A 193 16.08 9.88 30.39
C MET A 193 16.21 9.97 31.91
N ALA A 194 15.06 10.04 32.58
CA ALA A 194 15.05 10.10 34.04
C ALA A 194 15.47 8.76 34.66
N THR A 195 14.96 7.64 34.13
CA THR A 195 15.43 6.33 34.57
C THR A 195 16.92 6.17 34.30
N PHE A 196 17.37 6.73 33.17
CA PHE A 196 18.78 6.70 32.81
C PHE A 196 19.63 7.43 33.86
N PHE A 197 19.36 8.72 34.04
CA PHE A 197 20.11 9.52 35.02
C PHE A 197 19.97 8.91 36.41
N GLY A 198 18.73 8.73 36.85
CA GLY A 198 18.47 8.17 38.17
C GLY A 198 19.17 6.84 38.39
N GLY A 199 19.06 5.96 37.40
CA GLY A 199 19.70 4.66 37.48
C GLY A 199 21.20 4.78 37.64
N PHE A 200 21.83 5.61 36.81
CA PHE A 200 23.27 5.79 36.91
C PHE A 200 23.67 6.58 38.16
N ILE A 201 22.78 7.43 38.65
CA ILE A 201 23.04 8.18 39.87
C ILE A 201 23.11 7.21 41.03
N ILE A 202 22.05 6.42 41.20
CA ILE A 202 22.01 5.43 42.26
C ILE A 202 23.16 4.44 42.10
N GLY A 203 23.36 3.98 40.86
CA GLY A 203 24.46 3.09 40.56
C GLY A 203 25.78 3.65 41.05
N PHE A 204 26.10 4.88 40.65
CA PHE A 204 27.36 5.50 41.02
C PHE A 204 27.47 5.74 42.53
N THR A 205 26.42 6.31 43.13
CA THR A 205 26.48 6.66 44.54
C THR A 205 26.60 5.43 45.43
N ARG A 206 25.92 4.34 45.06
CA ARG A 206 26.05 3.10 45.81
C ARG A 206 27.43 2.50 45.64
N GLY A 207 28.05 2.75 44.49
CA GLY A 207 29.48 2.52 44.32
C GLY A 207 29.95 2.82 42.91
N TRP A 208 31.23 3.13 42.77
CA TRP A 208 31.80 3.46 41.46
C TRP A 208 32.26 2.23 40.66
N LYS A 209 32.85 1.26 41.36
CA LYS A 209 33.52 0.15 40.70
C LYS A 209 32.58 -0.68 39.84
N LEU A 210 31.52 -1.23 40.43
CA LEU A 210 30.60 -2.08 39.69
C LEU A 210 29.98 -1.35 38.51
N THR A 211 29.71 -0.05 38.69
CA THR A 211 29.16 0.75 37.62
C THR A 211 30.16 0.84 36.47
N LEU A 212 31.40 1.19 36.77
CA LEU A 212 32.43 1.25 35.74
C LEU A 212 32.64 -0.11 35.08
N VAL A 213 32.54 -1.18 35.89
CA VAL A 213 32.68 -2.54 35.37
C VAL A 213 31.47 -2.89 34.49
N ILE A 214 30.31 -2.35 34.83
CA ILE A 214 29.11 -2.54 34.02
C ILE A 214 29.13 -1.61 32.81
N LEU A 215 29.88 -0.52 32.89
CA LEU A 215 30.09 0.33 31.73
C LEU A 215 31.13 -0.30 30.82
N ALA A 216 32.07 -1.03 31.41
CA ALA A 216 33.11 -1.71 30.66
C ALA A 216 32.56 -2.71 29.64
N ILE A 217 31.44 -3.35 29.97
CA ILE A 217 30.84 -4.34 29.07
C ILE A 217 30.00 -3.71 27.97
N SER A 218 29.54 -2.48 28.20
CA SER A 218 28.57 -1.83 27.31
C SER A 218 29.01 -1.76 25.84
N PRO A 219 30.29 -1.46 25.58
CA PRO A 219 30.74 -1.46 24.19
C PRO A 219 30.65 -2.84 23.55
N VAL A 220 30.88 -3.88 24.35
CA VAL A 220 30.85 -5.25 23.85
C VAL A 220 29.42 -5.64 23.48
N LEU A 221 28.45 -5.19 24.27
CA LEU A 221 27.04 -5.46 23.98
C LEU A 221 26.57 -4.68 22.76
N GLY A 222 26.95 -3.40 22.70
CA GLY A 222 26.55 -2.55 21.60
C GLY A 222 27.08 -3.04 20.26
N LEU A 223 28.22 -3.72 20.30
CA LEU A 223 28.82 -4.31 19.11
C LEU A 223 28.07 -5.57 18.69
N SER A 224 27.67 -6.38 19.67
CA SER A 224 26.93 -7.61 19.41
C SER A 224 25.57 -7.31 18.80
N ALA A 225 24.97 -6.20 19.22
CA ALA A 225 23.71 -5.75 18.66
C ALA A 225 23.92 -5.18 17.26
N GLY A 226 25.12 -4.70 17.00
CA GLY A 226 25.48 -4.18 15.69
C GLY A 226 25.63 -5.29 14.66
N ILE A 227 26.29 -6.37 15.07
CA ILE A 227 26.43 -7.55 14.23
C ILE A 227 25.04 -8.13 13.95
N TRP A 228 24.15 -7.95 14.92
CA TRP A 228 22.77 -8.38 14.78
C TRP A 228 22.08 -7.58 13.67
N ALA A 229 22.39 -6.29 13.61
CA ALA A 229 21.75 -5.38 12.66
C ALA A 229 22.32 -5.48 11.24
N LYS A 230 23.64 -5.51 11.12
CA LYS A 230 24.31 -5.51 9.83
C LYS A 230 23.89 -6.70 8.97
N ILE A 231 23.63 -7.82 9.62
CA ILE A 231 23.27 -9.05 8.91
C ILE A 231 21.88 -8.97 8.31
N LEU A 232 20.95 -8.33 9.02
CA LEU A 232 19.57 -8.23 8.54
C LEU A 232 19.47 -7.40 7.27
N SER A 233 20.05 -6.21 7.28
CA SER A 233 19.96 -5.29 6.14
C SER A 233 20.54 -5.91 4.88
N SER A 234 21.64 -6.63 5.02
CA SER A 234 22.32 -7.24 3.89
C SER A 234 21.56 -8.45 3.34
N PHE A 235 21.20 -9.37 4.21
CA PHE A 235 20.59 -10.63 3.79
C PHE A 235 19.13 -10.47 3.35
N THR A 236 18.41 -9.52 3.94
CA THR A 236 17.02 -9.28 3.56
C THR A 236 16.92 -8.89 2.09
N ASP A 237 17.90 -8.13 1.62
CA ASP A 237 17.97 -7.77 0.21
C ASP A 237 18.27 -9.00 -0.63
N LYS A 238 19.24 -9.79 -0.19
CA LYS A 238 19.64 -11.02 -0.88
C LYS A 238 18.45 -11.98 -1.01
N GLU A 239 17.63 -12.05 0.03
CA GLU A 239 16.47 -12.93 0.04
C GLU A 239 15.45 -12.46 -0.99
N LEU A 240 15.33 -11.15 -1.16
CA LEU A 240 14.44 -10.57 -2.15
C LEU A 240 14.97 -10.79 -3.56
N HIS A 241 16.29 -10.85 -3.69
CA HIS A 241 16.95 -10.99 -4.99
C HIS A 241 16.72 -12.38 -5.58
N ALA A 242 16.72 -13.40 -4.74
CA ALA A 242 16.58 -14.78 -5.20
C ALA A 242 15.22 -15.01 -5.86
N TYR A 243 14.16 -14.55 -5.19
CA TYR A 243 12.81 -14.73 -5.71
C TYR A 243 12.55 -13.81 -6.90
N ALA A 244 13.41 -12.81 -7.08
CA ALA A 244 13.31 -11.90 -8.21
C ALA A 244 13.82 -12.56 -9.48
N LYS A 245 14.72 -13.53 -9.33
CA LYS A 245 15.22 -14.29 -10.47
C LYS A 245 14.21 -15.35 -10.89
N ALA A 246 13.58 -15.98 -9.90
CA ALA A 246 12.50 -16.93 -10.15
C ALA A 246 11.25 -16.18 -10.60
N GLY A 247 10.98 -15.07 -9.93
CA GLY A 247 9.84 -14.24 -10.25
C GLY A 247 9.88 -13.73 -11.68
N ALA A 248 11.08 -13.61 -12.24
CA ALA A 248 11.25 -13.19 -13.62
C ALA A 248 10.73 -14.28 -14.56
N VAL A 249 11.18 -15.50 -14.30
CA VAL A 249 10.70 -16.68 -15.03
C VAL A 249 9.18 -16.74 -14.92
N ALA A 250 8.71 -16.72 -13.68
CA ALA A 250 7.28 -16.77 -13.41
C ALA A 250 6.52 -15.68 -14.15
N GLU A 251 7.05 -14.46 -14.13
CA GLU A 251 6.34 -13.34 -14.76
C GLU A 251 6.32 -13.49 -16.27
N GLU A 252 7.47 -13.76 -16.89
CA GLU A 252 7.51 -13.87 -18.35
C GLU A 252 6.63 -15.04 -18.80
N VAL A 253 6.67 -16.13 -18.03
CA VAL A 253 5.83 -17.29 -18.32
C VAL A 253 4.36 -16.91 -18.25
N LEU A 254 3.93 -16.40 -17.10
CA LEU A 254 2.51 -16.08 -16.90
C LEU A 254 2.08 -14.92 -17.82
N ALA A 255 3.03 -14.16 -18.33
CA ALA A 255 2.74 -13.18 -19.37
C ALA A 255 2.57 -13.90 -20.72
N ALA A 256 3.41 -14.91 -20.93
CA ALA A 256 3.42 -15.71 -22.16
C ALA A 256 2.46 -16.91 -22.11
N ILE A 257 1.62 -16.93 -21.08
CA ILE A 257 0.80 -18.10 -20.75
C ILE A 257 0.11 -18.74 -21.96
N ARG A 258 -0.43 -17.93 -22.85
CA ARG A 258 -1.12 -18.45 -24.02
C ARG A 258 -0.15 -19.14 -24.96
N THR A 259 1.03 -18.57 -25.08
CA THR A 259 2.07 -19.14 -25.93
C THR A 259 2.54 -20.47 -25.35
N VAL A 260 2.91 -20.46 -24.06
CA VAL A 260 3.36 -21.69 -23.41
C VAL A 260 2.24 -22.74 -23.43
N ILE A 261 0.99 -22.28 -23.32
CA ILE A 261 -0.16 -23.19 -23.44
C ILE A 261 -0.23 -23.78 -24.83
N ALA A 262 -0.11 -22.92 -25.83
CA ALA A 262 -0.20 -23.34 -27.22
C ALA A 262 0.86 -24.38 -27.53
N PHE A 263 2.10 -24.06 -27.18
CA PHE A 263 3.21 -24.96 -27.49
C PHE A 263 3.38 -26.05 -26.43
N GLY A 264 2.61 -25.95 -25.35
CA GLY A 264 2.59 -26.98 -24.32
C GLY A 264 3.92 -27.21 -23.63
N GLY A 265 4.66 -26.13 -23.39
CA GLY A 265 5.96 -26.21 -22.75
C GLY A 265 5.87 -26.11 -21.24
N GLN A 266 4.70 -26.43 -20.70
CA GLN A 266 4.43 -26.25 -19.27
C GLN A 266 5.45 -26.95 -18.36
N LYS A 267 5.72 -28.22 -18.66
CA LYS A 267 6.65 -29.00 -17.86
C LYS A 267 8.01 -28.30 -17.77
N LYS A 268 8.43 -27.70 -18.87
CA LYS A 268 9.71 -27.00 -18.92
C LYS A 268 9.72 -25.78 -18.01
N GLU A 269 8.68 -24.95 -18.12
CA GLU A 269 8.59 -23.74 -17.30
C GLU A 269 8.55 -24.12 -15.83
N LEU A 270 7.71 -25.09 -15.51
CA LEU A 270 7.63 -25.61 -14.14
C LEU A 270 9.02 -26.09 -13.70
N GLU A 271 9.72 -26.79 -14.58
CA GLU A 271 11.08 -27.25 -14.28
C GLU A 271 12.01 -26.07 -13.95
N ARG A 272 12.07 -25.08 -14.83
CA ARG A 272 12.92 -23.92 -14.59
C ARG A 272 12.61 -23.27 -13.25
N TYR A 273 11.33 -22.96 -13.05
CA TYR A 273 10.87 -22.38 -11.80
C TYR A 273 11.30 -23.24 -10.61
N ASN A 274 11.14 -24.55 -10.76
CA ASN A 274 11.54 -25.50 -9.72
C ASN A 274 13.03 -25.41 -9.42
N ASN A 275 13.84 -25.30 -10.47
CA ASN A 275 15.28 -25.13 -10.30
C ASN A 275 15.63 -23.84 -9.55
N ASN A 276 15.01 -22.74 -9.97
CA ASN A 276 15.20 -21.48 -9.28
C ASN A 276 14.82 -21.59 -7.80
N LEU A 277 13.68 -22.23 -7.52
CA LEU A 277 13.29 -22.51 -6.14
C LEU A 277 14.36 -23.35 -5.43
N GLU A 278 14.89 -24.34 -6.15
CA GLU A 278 15.94 -25.20 -5.62
C GLU A 278 17.12 -24.37 -5.14
N GLU A 279 17.54 -23.39 -5.95
CA GLU A 279 18.57 -22.46 -5.51
C GLU A 279 18.15 -21.62 -4.29
N ALA A 280 16.96 -21.03 -4.42
CA ALA A 280 16.41 -20.17 -3.37
C ALA A 280 16.45 -20.83 -1.99
N LYS A 281 15.97 -22.07 -1.91
CA LYS A 281 15.93 -22.77 -0.63
C LYS A 281 17.33 -22.94 -0.03
N ARG A 282 18.31 -23.24 -0.87
CA ARG A 282 19.69 -23.37 -0.42
C ARG A 282 20.19 -22.05 0.18
N LEU A 283 19.98 -20.98 -0.56
CA LEU A 283 20.34 -19.66 -0.05
C LEU A 283 19.62 -19.40 1.29
N GLY A 284 18.36 -19.82 1.35
CA GLY A 284 17.57 -19.71 2.56
C GLY A 284 18.17 -20.42 3.75
N ILE A 285 18.47 -21.72 3.61
CA ILE A 285 19.04 -22.48 4.71
C ILE A 285 20.40 -21.90 5.12
N LYS A 286 21.18 -21.43 4.15
CA LYS A 286 22.42 -20.73 4.48
C LYS A 286 22.14 -19.54 5.40
N LYS A 287 21.24 -18.66 4.96
CA LYS A 287 20.86 -17.51 5.77
C LYS A 287 20.37 -17.94 7.16
N ALA A 288 19.61 -19.03 7.20
CA ALA A 288 19.12 -19.56 8.47
C ALA A 288 20.28 -19.93 9.40
N ILE A 289 21.21 -20.73 8.88
CA ILE A 289 22.40 -21.12 9.64
C ILE A 289 23.12 -19.90 10.20
N THR A 290 23.46 -18.96 9.31
CA THR A 290 24.20 -17.78 9.74
C THR A 290 23.44 -16.98 10.79
N ALA A 291 22.17 -16.69 10.52
CA ALA A 291 21.33 -15.93 11.43
C ALA A 291 21.26 -16.59 12.81
N ASN A 292 20.98 -17.89 12.83
CA ASN A 292 20.90 -18.64 14.08
C ASN A 292 22.21 -18.60 14.85
N ILE A 293 23.33 -18.81 14.14
CA ILE A 293 24.64 -18.68 14.75
C ILE A 293 24.80 -17.30 15.40
N SER A 294 24.49 -16.24 14.65
CA SER A 294 24.60 -14.88 15.17
C SER A 294 23.76 -14.67 16.43
N MET A 295 22.48 -15.02 16.36
CA MET A 295 21.59 -14.89 17.51
C MET A 295 22.16 -15.64 18.72
N GLY A 296 22.57 -16.89 18.50
CA GLY A 296 23.17 -17.69 19.55
C GLY A 296 24.39 -17.03 20.18
N ALA A 297 25.30 -16.55 19.34
CA ALA A 297 26.50 -15.87 19.82
C ALA A 297 26.15 -14.64 20.63
N ALA A 298 25.21 -13.83 20.14
CA ALA A 298 24.76 -12.65 20.87
C ALA A 298 24.25 -13.04 22.25
N PHE A 299 23.33 -14.01 22.28
CA PHE A 299 22.80 -14.53 23.55
C PHE A 299 23.94 -14.98 24.46
N LEU A 300 24.93 -15.66 23.88
CA LEU A 300 26.11 -16.07 24.65
C LEU A 300 26.87 -14.90 25.24
N LEU A 301 27.09 -13.85 24.44
CA LEU A 301 27.79 -12.67 24.95
C LEU A 301 27.00 -12.03 26.08
N ILE A 302 25.69 -11.89 25.91
CA ILE A 302 24.84 -11.35 26.96
C ILE A 302 24.98 -12.19 28.23
N TYR A 303 24.81 -13.50 28.11
CA TYR A 303 24.99 -14.42 29.23
C TYR A 303 26.36 -14.23 29.89
N ALA A 304 27.40 -14.22 29.07
CA ALA A 304 28.77 -14.16 29.57
C ALA A 304 29.03 -12.87 30.34
N SER A 305 28.75 -11.73 29.72
CA SER A 305 28.96 -10.46 30.39
C SER A 305 28.11 -10.38 31.66
N TYR A 306 26.84 -10.75 31.53
CA TYR A 306 25.93 -10.69 32.67
C TYR A 306 26.46 -11.49 33.85
N ALA A 307 26.85 -12.73 33.58
CA ALA A 307 27.40 -13.59 34.63
C ALA A 307 28.72 -13.03 35.16
N LEU A 308 29.56 -12.55 34.24
CA LEU A 308 30.87 -12.04 34.58
C LEU A 308 30.77 -10.90 35.59
N ALA A 309 29.94 -9.91 35.27
CA ALA A 309 29.73 -8.77 36.15
C ALA A 309 29.30 -9.24 37.54
N PHE A 310 28.42 -10.23 37.58
CA PHE A 310 27.92 -10.75 38.84
C PHE A 310 29.03 -11.49 39.61
N TRP A 311 29.86 -12.23 38.88
CA TRP A 311 31.00 -12.90 39.50
C TRP A 311 31.93 -11.88 40.14
N TYR A 312 32.27 -10.84 39.40
CA TYR A 312 33.07 -9.74 39.95
C TYR A 312 32.38 -9.16 41.16
N GLY A 313 31.05 -9.02 41.07
CA GLY A 313 30.26 -8.57 42.19
C GLY A 313 30.54 -9.41 43.43
N THR A 314 30.38 -10.73 43.29
CA THR A 314 30.67 -11.64 44.40
C THR A 314 32.11 -11.47 44.91
N SER A 315 33.04 -11.35 43.96
CA SER A 315 34.45 -11.14 44.29
C SER A 315 34.61 -9.87 45.12
N LEU A 316 33.78 -8.87 44.86
CA LEU A 316 33.78 -7.66 45.69
C LEU A 316 33.06 -7.85 47.02
N VAL A 317 32.00 -8.67 47.05
CA VAL A 317 31.32 -8.91 48.33
C VAL A 317 32.21 -9.69 49.30
N ILE A 318 32.95 -10.69 48.80
CA ILE A 318 33.80 -11.49 49.68
C ILE A 318 34.88 -10.62 50.35
N SER A 319 35.30 -9.57 49.66
CA SER A 319 36.28 -8.64 50.20
C SER A 319 35.65 -7.73 51.26
N LYS A 320 34.34 -7.84 51.43
CA LYS A 320 33.59 -6.99 52.35
C LYS A 320 33.67 -5.53 51.91
N GLU A 321 33.92 -5.32 50.62
CA GLU A 321 33.95 -3.97 50.06
C GLU A 321 32.52 -3.49 49.77
N TYR A 322 31.70 -4.41 49.27
CA TYR A 322 30.28 -4.14 49.01
C TYR A 322 29.39 -5.10 49.79
N SER A 323 28.21 -4.63 50.17
CA SER A 323 27.19 -5.51 50.71
C SER A 323 26.61 -6.35 49.58
N ILE A 324 26.04 -7.50 49.90
CA ILE A 324 25.49 -8.39 48.88
C ILE A 324 24.30 -7.76 48.17
N GLY A 325 23.52 -6.96 48.90
CA GLY A 325 22.36 -6.29 48.33
C GLY A 325 22.74 -5.10 47.48
N GLN A 326 23.76 -4.36 47.92
CA GLN A 326 24.27 -3.23 47.17
C GLN A 326 24.66 -3.63 45.76
N VAL A 327 25.33 -4.78 45.65
CA VAL A 327 25.73 -5.32 44.35
C VAL A 327 24.50 -5.39 43.45
N LEU A 328 23.45 -6.02 43.94
CA LEU A 328 22.20 -6.12 43.20
C LEU A 328 21.70 -4.72 42.83
N THR A 329 21.62 -3.84 43.81
CA THR A 329 21.11 -2.49 43.59
C THR A 329 21.85 -1.79 42.45
N VAL A 330 23.17 -1.68 42.54
CA VAL A 330 23.92 -0.99 41.50
C VAL A 330 23.81 -1.74 40.18
N PHE A 331 23.85 -3.06 40.26
CA PHE A 331 23.80 -3.90 39.06
C PHE A 331 22.53 -3.62 38.26
N PHE A 332 21.40 -3.82 38.90
CA PHE A 332 20.10 -3.64 38.26
C PHE A 332 19.83 -2.18 37.93
N SER A 333 20.21 -1.28 38.83
CA SER A 333 20.02 0.14 38.59
C SER A 333 20.78 0.58 37.34
N VAL A 334 22.03 0.15 37.22
CA VAL A 334 22.85 0.54 36.09
C VAL A 334 22.37 -0.12 34.80
N LEU A 335 22.06 -1.41 34.85
CA LEU A 335 21.55 -2.08 33.65
C LEU A 335 20.23 -1.44 33.19
N ILE A 336 19.38 -1.10 34.15
CA ILE A 336 18.16 -0.35 33.87
C ILE A 336 18.53 0.93 33.13
N GLY A 337 19.37 1.73 33.78
CA GLY A 337 19.84 2.98 33.21
C GLY A 337 20.44 2.78 31.83
N ALA A 338 21.09 1.63 31.63
CA ALA A 338 21.72 1.33 30.35
C ALA A 338 20.66 1.10 29.27
N PHE A 339 19.70 0.21 29.55
CA PHE A 339 18.66 -0.09 28.57
C PHE A 339 17.75 1.10 28.30
N SER A 340 17.57 1.95 29.30
CA SER A 340 16.73 3.13 29.15
C SER A 340 17.06 3.94 27.89
N VAL A 341 18.35 4.01 27.54
CA VAL A 341 18.78 4.70 26.33
C VAL A 341 18.17 4.05 25.09
N GLY A 342 18.42 2.75 24.95
CA GLY A 342 17.88 1.99 23.82
C GLY A 342 16.37 2.08 23.76
N GLN A 343 15.74 2.11 24.93
CA GLN A 343 14.29 2.26 25.01
C GLN A 343 13.87 3.70 24.70
N ALA A 344 14.76 4.65 24.98
CA ALA A 344 14.48 6.06 24.74
C ALA A 344 14.61 6.46 23.27
N SER A 345 15.64 5.94 22.60
CA SER A 345 16.00 6.39 21.24
C SER A 345 14.85 6.53 20.25
N PRO A 346 13.93 5.54 20.19
CA PRO A 346 12.84 5.61 19.21
C PRO A 346 11.97 6.87 19.33
N ASN A 347 11.83 7.39 20.54
CA ASN A 347 11.01 8.57 20.76
C ASN A 347 11.68 9.83 20.21
N ILE A 348 13.00 9.76 20.03
CA ILE A 348 13.73 10.85 19.39
C ILE A 348 13.27 10.92 17.93
N GLU A 349 13.37 9.79 17.24
CA GLU A 349 12.99 9.72 15.84
C GLU A 349 11.54 10.14 15.65
N ALA A 350 10.72 9.88 16.66
CA ALA A 350 9.31 10.25 16.61
C ALA A 350 9.16 11.77 16.56
N PHE A 351 9.83 12.45 17.48
CA PHE A 351 9.82 13.90 17.51
C PHE A 351 10.57 14.47 16.30
N ALA A 352 11.60 13.76 15.87
CA ALA A 352 12.42 14.20 14.74
C ALA A 352 11.61 14.25 13.45
N ASN A 353 10.97 13.13 13.11
CA ASN A 353 10.12 13.06 11.93
C ASN A 353 9.05 14.13 11.93
N ALA A 354 8.52 14.41 13.11
CA ALA A 354 7.40 15.34 13.25
C ALA A 354 7.79 16.77 12.86
N ARG A 355 9.03 17.14 13.15
CA ARG A 355 9.52 18.45 12.75
C ARG A 355 9.60 18.53 11.23
N GLY A 356 10.18 17.50 10.63
CA GLY A 356 10.33 17.43 9.19
C GLY A 356 8.98 17.52 8.49
N ALA A 357 7.98 16.87 9.06
CA ALA A 357 6.63 16.89 8.51
C ALA A 357 6.00 18.24 8.73
N ALA A 358 6.26 18.85 9.88
CA ALA A 358 5.68 20.13 10.22
C ALA A 358 6.21 21.24 9.33
N TYR A 359 7.37 21.01 8.71
CA TYR A 359 7.99 22.03 7.85
C TYR A 359 7.10 22.37 6.68
N GLU A 360 6.78 21.38 5.86
CA GLU A 360 6.01 21.62 4.64
C GLU A 360 4.58 22.05 4.99
N VAL A 361 4.08 21.59 6.13
CA VAL A 361 2.75 21.96 6.59
C VAL A 361 2.68 23.45 6.93
N PHE A 362 3.59 23.90 7.79
CA PHE A 362 3.61 25.30 8.21
C PHE A 362 3.96 26.22 7.06
N LYS A 363 4.68 25.69 6.08
CA LYS A 363 5.13 26.47 4.93
C LYS A 363 3.92 27.09 4.24
N ILE A 364 2.84 26.33 4.13
CA ILE A 364 1.64 26.80 3.47
C ILE A 364 0.86 27.76 4.36
N ILE A 365 0.90 27.50 5.67
CA ILE A 365 0.17 28.35 6.62
C ILE A 365 0.84 29.71 6.74
N ASP A 366 2.16 29.72 6.71
CA ASP A 366 2.91 30.97 6.82
C ASP A 366 2.89 31.73 5.50
N ASN A 367 2.68 31.01 4.41
CA ASN A 367 2.66 31.63 3.09
C ASN A 367 1.49 32.59 2.95
N LYS A 368 1.82 33.83 2.61
CA LYS A 368 0.82 34.86 2.37
C LYS A 368 0.76 35.15 0.89
N PRO A 369 -0.41 35.00 0.26
CA PRO A 369 -0.46 35.18 -1.19
C PRO A 369 -0.61 36.64 -1.60
N SER A 370 -0.56 36.92 -2.89
CA SER A 370 -0.77 38.27 -3.40
C SER A 370 -2.26 38.57 -3.48
N ILE A 371 -3.02 37.58 -3.94
CA ILE A 371 -4.43 37.75 -4.21
C ILE A 371 -5.31 37.62 -2.96
N ASP A 372 -4.92 36.77 -2.01
CA ASP A 372 -5.75 36.56 -0.81
C ASP A 372 -7.15 36.10 -1.22
N SER A 373 -8.15 36.97 -1.06
CA SER A 373 -9.59 36.68 -1.23
C SER A 373 -10.24 36.23 0.08
N PHE A 374 -9.42 36.02 1.11
CA PHE A 374 -9.92 35.93 2.47
C PHE A 374 -9.78 37.30 3.15
N SER A 375 -9.21 38.24 2.41
CA SER A 375 -8.96 39.59 2.91
C SER A 375 -10.20 40.46 2.80
N LYS A 376 -10.39 41.35 3.78
CA LYS A 376 -11.34 42.44 3.62
C LYS A 376 -10.53 43.70 3.33
N SER A 377 -10.51 44.10 2.08
CA SER A 377 -9.77 45.30 1.67
C SER A 377 -10.24 45.76 0.29
N GLY A 378 -9.98 47.01 -0.04
CA GLY A 378 -10.29 47.52 -1.36
C GLY A 378 -11.72 47.98 -1.49
N HIS A 379 -12.05 48.53 -2.66
CA HIS A 379 -13.35 49.15 -2.88
C HIS A 379 -14.42 48.13 -3.25
N LYS A 380 -15.65 48.42 -2.83
CA LYS A 380 -16.81 47.60 -3.16
C LYS A 380 -17.86 48.46 -3.86
N PRO A 381 -17.66 48.72 -5.17
CA PRO A 381 -18.46 49.73 -5.86
C PRO A 381 -19.94 49.38 -5.93
N ASP A 382 -20.78 50.42 -5.95
CA ASP A 382 -22.22 50.27 -6.05
C ASP A 382 -22.70 50.81 -7.39
N ASN A 383 -23.81 50.28 -7.88
CA ASN A 383 -24.34 50.67 -9.18
C ASN A 383 -23.34 50.44 -10.29
N ILE A 384 -22.82 49.23 -10.38
CA ILE A 384 -21.88 48.88 -11.43
C ILE A 384 -22.64 48.76 -12.74
N GLN A 385 -22.26 49.57 -13.72
CA GLN A 385 -22.91 49.54 -15.03
C GLN A 385 -22.35 48.40 -15.85
N GLY A 386 -21.18 47.91 -15.46
CA GLY A 386 -20.55 46.81 -16.15
C GLY A 386 -19.90 47.23 -17.46
N ASN A 387 -19.17 48.33 -17.41
CA ASN A 387 -18.33 48.73 -18.54
C ASN A 387 -16.96 48.13 -18.34
N LEU A 388 -16.63 47.14 -19.15
CA LEU A 388 -15.39 46.40 -18.99
C LEU A 388 -14.42 46.74 -20.12
N GLU A 389 -13.16 46.93 -19.79
CA GLU A 389 -12.14 47.08 -20.83
C GLU A 389 -10.81 46.43 -20.45
N PHE A 390 -10.28 45.70 -21.43
CA PHE A 390 -8.95 45.11 -21.33
C PHE A 390 -7.97 45.99 -22.13
N LYS A 391 -6.95 46.50 -21.46
CA LYS A 391 -6.00 47.42 -22.06
C LYS A 391 -4.58 46.86 -22.09
N ASN A 392 -4.09 46.58 -23.29
CA ASN A 392 -2.70 46.16 -23.49
C ASN A 392 -2.26 45.05 -22.54
N ILE A 393 -3.05 43.97 -22.49
CA ILE A 393 -2.79 42.91 -21.54
C ILE A 393 -1.86 41.85 -22.14
N HIS A 394 -0.66 41.76 -21.58
CA HIS A 394 0.25 40.66 -21.86
C HIS A 394 0.15 39.68 -20.70
N PHE A 395 0.06 38.40 -21.01
CA PHE A 395 -0.13 37.40 -19.97
C PHE A 395 0.45 36.04 -20.35
N SER A 396 0.83 35.29 -19.34
CA SER A 396 1.21 33.89 -19.53
C SER A 396 0.83 33.13 -18.27
N TYR A 397 0.32 31.91 -18.44
CA TYR A 397 0.02 31.06 -17.29
C TYR A 397 1.33 30.59 -16.68
N PRO A 398 1.28 30.04 -15.45
CA PRO A 398 2.57 29.63 -14.88
C PRO A 398 3.18 28.37 -15.51
N SER A 399 3.21 28.34 -16.83
CA SER A 399 4.22 27.60 -17.58
C SER A 399 5.33 28.59 -17.91
N ARG A 400 5.04 29.87 -17.67
CA ARG A 400 6.00 30.96 -17.78
C ARG A 400 6.63 31.08 -19.19
N LYS A 401 7.94 31.30 -19.25
CA LYS A 401 8.61 31.70 -20.48
C LYS A 401 8.47 30.70 -21.62
N GLU A 402 8.08 29.47 -21.30
CA GLU A 402 7.93 28.44 -22.32
C GLU A 402 6.90 28.86 -23.37
N VAL A 403 5.79 29.43 -22.93
CA VAL A 403 4.77 29.95 -23.85
C VAL A 403 4.13 31.23 -23.32
N GLN A 404 3.99 32.22 -24.21
CA GLN A 404 3.22 33.42 -23.92
C GLN A 404 2.01 33.43 -24.83
N ILE A 405 0.83 33.19 -24.25
CA ILE A 405 -0.37 33.00 -25.06
C ILE A 405 -0.96 34.33 -25.54
N LEU A 406 -0.91 35.34 -24.69
CA LEU A 406 -1.50 36.64 -25.01
C LEU A 406 -0.41 37.69 -25.24
N LYS A 407 -0.24 38.10 -26.50
CA LYS A 407 0.73 39.14 -26.84
C LYS A 407 -0.04 40.44 -27.08
N GLY A 408 0.02 41.34 -26.11
CA GLY A 408 -0.75 42.57 -26.17
C GLY A 408 -2.23 42.24 -26.09
N LEU A 409 -3.08 43.26 -26.00
CA LEU A 409 -4.52 43.09 -26.22
C LEU A 409 -5.22 44.44 -26.11
N ASN A 410 -6.34 44.57 -26.78
CA ASN A 410 -7.27 45.66 -26.56
C ASN A 410 -8.69 45.16 -26.73
N LEU A 411 -9.51 45.36 -25.71
CA LEU A 411 -10.93 45.04 -25.86
C LEU A 411 -11.79 45.89 -24.95
N LYS A 412 -12.97 46.24 -25.44
CA LYS A 412 -13.99 46.90 -24.64
C LYS A 412 -15.29 46.17 -24.82
N VAL A 413 -16.14 46.22 -23.80
CA VAL A 413 -17.51 45.76 -23.91
C VAL A 413 -18.39 46.74 -23.16
N LYS A 414 -19.40 47.26 -23.85
CA LYS A 414 -20.25 48.32 -23.30
C LYS A 414 -21.18 47.77 -22.23
N SER A 415 -21.63 48.65 -21.34
CA SER A 415 -22.58 48.27 -20.31
C SER A 415 -23.88 47.77 -20.92
N GLY A 416 -24.30 46.58 -20.52
CA GLY A 416 -25.54 46.00 -21.01
C GLY A 416 -25.35 45.24 -22.32
N GLN A 417 -24.21 45.45 -22.98
CA GLN A 417 -23.94 44.72 -24.21
C GLN A 417 -23.56 43.29 -23.91
N THR A 418 -23.39 42.49 -24.96
CA THR A 418 -22.87 41.14 -24.83
C THR A 418 -21.86 40.91 -25.95
N VAL A 419 -20.62 40.66 -25.56
CA VAL A 419 -19.56 40.43 -26.54
C VAL A 419 -19.30 38.94 -26.68
N ALA A 420 -19.03 38.51 -27.90
CA ALA A 420 -18.70 37.12 -28.17
C ALA A 420 -17.27 37.02 -28.69
N LEU A 421 -16.50 36.12 -28.10
CA LEU A 421 -15.12 35.91 -28.53
C LEU A 421 -15.01 34.65 -29.39
N VAL A 422 -14.21 34.73 -30.45
CA VAL A 422 -13.98 33.60 -31.34
C VAL A 422 -12.49 33.45 -31.63
N GLY A 423 -12.05 32.22 -31.87
CA GLY A 423 -10.66 31.95 -32.15
C GLY A 423 -10.46 30.53 -32.66
N ASN A 424 -9.38 30.31 -33.40
CA ASN A 424 -9.12 29.02 -34.00
C ASN A 424 -8.57 28.01 -32.99
N SER A 425 -7.60 28.45 -32.20
CA SER A 425 -6.98 27.60 -31.18
C SER A 425 -6.22 28.42 -30.15
N GLY A 426 -5.59 27.74 -29.20
CA GLY A 426 -4.82 28.38 -28.16
C GLY A 426 -5.65 28.73 -26.95
N CYS A 427 -6.96 28.82 -27.13
CA CYS A 427 -7.90 29.18 -26.07
C CYS A 427 -7.46 30.43 -25.33
N GLY A 428 -6.97 31.41 -26.08
CA GLY A 428 -6.70 32.73 -25.53
C GLY A 428 -8.03 33.39 -25.19
N LYS A 429 -9.11 32.86 -25.77
CA LYS A 429 -10.45 33.32 -25.46
C LYS A 429 -10.76 33.17 -23.98
N SER A 430 -10.51 31.97 -23.46
CA SER A 430 -10.79 31.65 -22.07
C SER A 430 -9.92 32.46 -21.11
N THR A 431 -8.76 32.89 -21.59
CA THR A 431 -7.81 33.65 -20.77
C THR A 431 -8.45 34.91 -20.24
N THR A 432 -9.25 35.58 -21.07
CA THR A 432 -9.92 36.80 -20.67
C THR A 432 -10.90 36.53 -19.53
N VAL A 433 -11.68 35.47 -19.65
CA VAL A 433 -12.58 35.04 -18.58
C VAL A 433 -11.76 34.65 -17.35
N GLN A 434 -10.58 34.10 -17.60
CA GLN A 434 -9.68 33.74 -16.50
C GLN A 434 -9.19 34.98 -15.77
N LEU A 435 -8.85 36.01 -16.53
CA LEU A 435 -8.31 37.25 -15.97
C LEU A 435 -9.41 38.14 -15.38
N MET A 436 -10.62 38.06 -15.94
CA MET A 436 -11.70 38.92 -15.51
C MET A 436 -12.17 38.59 -14.09
N GLN A 437 -11.89 37.37 -13.64
CA GLN A 437 -12.16 36.99 -12.26
C GLN A 437 -10.96 37.30 -11.38
N ARG A 438 -9.91 37.81 -12.01
CA ARG A 438 -8.64 38.06 -11.34
C ARG A 438 -8.15 36.79 -10.64
N LEU A 439 -8.19 35.68 -11.38
CA LEU A 439 -7.57 34.45 -10.92
C LEU A 439 -6.06 34.61 -11.01
N TYR A 440 -5.62 35.28 -12.08
CA TYR A 440 -4.23 35.69 -12.23
C TYR A 440 -4.20 37.20 -12.47
N ASP A 441 -3.16 37.85 -11.99
CA ASP A 441 -2.88 39.22 -12.40
C ASP A 441 -2.09 39.17 -13.70
N PRO A 442 -2.43 40.06 -14.66
CA PRO A 442 -1.74 40.04 -15.95
C PRO A 442 -0.28 40.47 -15.84
N LEU A 443 0.58 39.96 -16.71
CA LEU A 443 2.00 40.33 -16.70
C LEU A 443 2.16 41.83 -16.87
N ASP A 444 1.58 42.35 -17.96
CA ASP A 444 1.54 43.77 -18.23
C ASP A 444 0.16 44.10 -18.73
N GLY A 445 -0.33 45.30 -18.41
CA GLY A 445 -1.67 45.72 -18.81
C GLY A 445 -2.64 45.69 -17.64
N MET A 446 -3.88 46.12 -17.89
CA MET A 446 -4.87 46.18 -16.83
C MET A 446 -6.27 45.83 -17.33
N VAL A 447 -6.98 45.06 -16.52
CA VAL A 447 -8.39 44.76 -16.79
C VAL A 447 -9.22 45.69 -15.91
N SER A 448 -10.08 46.47 -16.54
CA SER A 448 -10.83 47.52 -15.85
C SER A 448 -12.34 47.30 -15.96
N ILE A 449 -12.94 46.98 -14.81
CA ILE A 449 -14.39 46.91 -14.69
C ILE A 449 -14.90 48.29 -14.36
N ASP A 450 -15.89 48.77 -15.11
CA ASP A 450 -16.33 50.15 -14.97
C ASP A 450 -15.11 51.06 -15.20
N GLY A 451 -14.95 52.08 -14.37
CA GLY A 451 -13.79 52.96 -14.48
C GLY A 451 -12.57 52.49 -13.70
N GLN A 452 -12.81 51.72 -12.65
CA GLN A 452 -11.75 51.35 -11.72
C GLN A 452 -10.98 50.09 -12.12
N ASP A 453 -9.68 50.10 -11.83
CA ASP A 453 -8.85 48.91 -11.99
C ASP A 453 -9.45 47.78 -11.16
N ILE A 454 -9.36 46.55 -11.66
CA ILE A 454 -9.95 45.40 -10.99
C ILE A 454 -9.23 45.09 -9.68
N ARG A 455 -7.98 45.53 -9.58
CA ARG A 455 -7.15 45.18 -8.45
C ARG A 455 -7.41 46.09 -7.24
N THR A 456 -8.08 47.21 -7.48
CA THR A 456 -8.42 48.14 -6.40
C THR A 456 -9.64 47.65 -5.63
N ILE A 457 -10.51 46.90 -6.29
CA ILE A 457 -11.73 46.40 -5.67
C ILE A 457 -11.52 45.07 -4.98
N ASN A 458 -12.20 44.90 -3.85
CA ASN A 458 -12.10 43.68 -3.05
C ASN A 458 -12.31 42.43 -3.89
N VAL A 459 -11.51 41.41 -3.62
CA VAL A 459 -11.58 40.17 -4.38
C VAL A 459 -12.94 39.50 -4.24
N ARG A 460 -13.33 39.21 -3.00
CA ARG A 460 -14.60 38.53 -2.74
C ARG A 460 -15.77 39.26 -3.41
N TYR A 461 -15.83 40.57 -3.22
CA TYR A 461 -16.89 41.36 -3.81
C TYR A 461 -16.85 41.26 -5.33
N LEU A 462 -15.65 41.29 -5.89
CA LEU A 462 -15.47 41.14 -7.34
C LEU A 462 -16.05 39.80 -7.79
N ARG A 463 -15.65 38.73 -7.12
CA ARG A 463 -16.13 37.39 -7.44
C ARG A 463 -17.64 37.30 -7.27
N GLU A 464 -18.17 38.04 -6.30
CA GLU A 464 -19.61 38.05 -6.05
C GLU A 464 -20.40 38.83 -7.08
N ILE A 465 -19.85 39.94 -7.58
CA ILE A 465 -20.56 40.71 -8.61
C ILE A 465 -20.44 40.07 -10.00
N ILE A 466 -19.57 39.07 -10.14
CA ILE A 466 -19.43 38.34 -11.39
C ILE A 466 -19.99 36.92 -11.28
N GLY A 467 -20.92 36.58 -12.17
CA GLY A 467 -21.41 35.23 -12.31
C GLY A 467 -20.61 34.45 -13.33
N VAL A 468 -20.53 33.14 -13.19
CA VAL A 468 -19.72 32.31 -14.07
C VAL A 468 -20.40 30.99 -14.42
N VAL A 469 -20.36 30.63 -15.70
CA VAL A 469 -20.86 29.35 -16.18
C VAL A 469 -19.79 28.69 -17.04
N SER A 470 -19.45 27.44 -16.70
CA SER A 470 -18.29 26.76 -17.25
C SER A 470 -18.69 25.59 -18.14
N GLN A 471 -17.78 25.21 -19.04
CA GLN A 471 -18.03 24.11 -19.97
C GLN A 471 -18.44 22.86 -19.22
N GLU A 472 -17.59 22.40 -18.30
CA GLU A 472 -17.92 21.26 -17.46
C GLU A 472 -18.49 21.76 -16.14
N PRO A 473 -19.81 21.61 -15.95
CA PRO A 473 -20.37 22.05 -14.67
C PRO A 473 -20.10 21.02 -13.58
N VAL A 474 -20.04 21.48 -12.33
CA VAL A 474 -19.82 20.59 -11.20
C VAL A 474 -20.89 20.82 -10.15
N LEU A 475 -21.35 19.73 -9.54
CA LEU A 475 -22.32 19.79 -8.46
C LEU A 475 -21.78 19.11 -7.23
N PHE A 476 -21.60 19.88 -6.16
CA PHE A 476 -21.17 19.33 -4.88
C PHE A 476 -22.28 18.43 -4.33
N ALA A 477 -21.93 17.47 -3.49
CA ALA A 477 -22.89 16.43 -3.14
C ALA A 477 -23.70 16.76 -1.88
N THR A 478 -24.95 17.15 -2.12
CA THR A 478 -25.93 17.57 -1.11
C THR A 478 -27.16 17.85 -1.94
N THR A 479 -28.26 18.23 -1.29
CA THR A 479 -29.50 18.45 -2.01
C THR A 479 -29.35 19.56 -3.05
N ILE A 480 -30.23 19.53 -4.05
CA ILE A 480 -30.23 20.54 -5.11
C ILE A 480 -30.32 21.94 -4.51
N ALA A 481 -31.20 22.09 -3.53
CA ALA A 481 -31.39 23.35 -2.84
C ALA A 481 -30.06 23.89 -2.33
N GLU A 482 -29.28 23.00 -1.71
CA GLU A 482 -27.98 23.37 -1.16
C GLU A 482 -27.00 23.79 -2.26
N ASN A 483 -27.05 23.11 -3.40
CA ASN A 483 -26.20 23.48 -4.53
C ASN A 483 -26.62 24.83 -5.10
N ILE A 484 -27.92 25.10 -5.12
CA ILE A 484 -28.41 26.41 -5.48
C ILE A 484 -28.08 27.39 -4.36
N ARG A 485 -27.99 26.88 -3.13
CA ARG A 485 -27.67 27.69 -1.96
C ARG A 485 -26.19 28.04 -1.91
N TYR A 486 -25.39 27.42 -2.78
CA TYR A 486 -23.98 27.76 -2.88
C TYR A 486 -23.79 29.00 -3.74
N GLY A 487 -24.89 29.52 -4.29
CA GLY A 487 -24.88 30.83 -4.90
C GLY A 487 -24.88 31.90 -3.83
N ARG A 488 -25.78 31.77 -2.87
CA ARG A 488 -25.83 32.65 -1.70
C ARG A 488 -26.25 31.87 -0.46
N GLU A 489 -25.55 32.09 0.65
CA GLU A 489 -25.84 31.35 1.87
C GLU A 489 -27.24 31.67 2.38
N ASP A 490 -27.63 32.95 2.30
CA ASP A 490 -28.97 33.36 2.73
C ASP A 490 -29.92 33.38 1.54
N VAL A 491 -30.86 32.43 1.53
CA VAL A 491 -31.84 32.34 0.47
C VAL A 491 -33.04 31.51 0.97
N THR A 492 -34.19 31.68 0.31
CA THR A 492 -35.39 30.89 0.64
C THR A 492 -35.80 30.08 -0.58
N MET A 493 -36.52 28.98 -0.35
CA MET A 493 -36.92 28.08 -1.42
C MET A 493 -37.68 28.81 -2.53
N ASP A 494 -38.26 29.95 -2.20
CA ASP A 494 -38.92 30.79 -3.18
C ASP A 494 -37.92 31.28 -4.23
N GLU A 495 -36.78 31.76 -3.76
CA GLU A 495 -35.74 32.27 -4.65
C GLU A 495 -35.12 31.12 -5.45
N ILE A 496 -34.94 29.97 -4.80
CA ILE A 496 -34.47 28.78 -5.50
C ILE A 496 -35.44 28.46 -6.63
N GLU A 497 -36.72 28.41 -6.29
CA GLU A 497 -37.77 28.11 -7.25
C GLU A 497 -37.73 29.09 -8.43
N LYS A 498 -37.74 30.38 -8.12
CA LYS A 498 -37.70 31.39 -9.18
C LYS A 498 -36.41 31.27 -9.99
N ALA A 499 -35.31 30.94 -9.31
CA ALA A 499 -34.02 30.81 -9.97
C ALA A 499 -34.01 29.67 -10.97
N VAL A 500 -34.44 28.49 -10.54
CA VAL A 500 -34.45 27.33 -11.42
C VAL A 500 -35.56 27.46 -12.47
N LYS A 501 -36.65 28.14 -12.11
CA LYS A 501 -37.75 28.36 -13.04
C LYS A 501 -37.36 29.37 -14.12
N GLU A 502 -36.55 30.36 -13.73
CA GLU A 502 -36.04 31.33 -14.68
C GLU A 502 -34.96 30.69 -15.55
N ALA A 503 -34.38 29.60 -15.07
CA ALA A 503 -33.44 28.81 -15.84
C ALA A 503 -34.15 27.67 -16.56
N ASN A 504 -35.46 27.60 -16.38
CA ASN A 504 -36.29 26.56 -17.01
C ASN A 504 -35.85 25.16 -16.59
N ALA A 505 -35.23 25.06 -15.43
CA ALA A 505 -34.80 23.77 -14.88
C ALA A 505 -35.84 23.22 -13.92
N TYR A 506 -36.91 23.97 -13.68
CA TYR A 506 -37.93 23.62 -12.70
C TYR A 506 -38.62 22.30 -13.02
N ASP A 507 -39.06 22.16 -14.27
CA ASP A 507 -39.76 20.97 -14.72
C ASP A 507 -38.95 19.72 -14.46
N PHE A 508 -37.79 19.63 -15.11
CA PHE A 508 -36.93 18.46 -15.07
C PHE A 508 -36.61 18.01 -13.64
N ILE A 509 -36.34 18.96 -12.75
CA ILE A 509 -36.02 18.60 -11.36
C ILE A 509 -37.29 18.27 -10.57
N MET A 510 -38.39 18.95 -10.86
CA MET A 510 -39.63 18.66 -10.15
C MET A 510 -40.15 17.27 -10.50
N LYS A 511 -39.96 16.87 -11.76
CA LYS A 511 -40.33 15.51 -12.17
C LYS A 511 -39.51 14.49 -11.40
N LEU A 512 -38.30 14.87 -11.04
CA LEU A 512 -37.43 14.02 -10.25
C LEU A 512 -38.02 13.81 -8.85
N PRO A 513 -37.76 12.64 -8.24
CA PRO A 513 -38.26 12.42 -6.88
C PRO A 513 -37.54 13.27 -5.83
N HIS A 514 -38.14 13.37 -4.65
CA HIS A 514 -37.56 14.12 -3.52
C HIS A 514 -37.62 15.64 -3.72
N GLN A 515 -38.06 16.09 -4.88
CA GLN A 515 -38.14 17.52 -5.20
C GLN A 515 -36.74 18.16 -5.08
N PHE A 516 -36.66 19.30 -4.39
CA PHE A 516 -35.38 20.00 -4.21
C PHE A 516 -34.38 19.21 -3.36
N ASP A 517 -34.87 18.19 -2.67
CA ASP A 517 -34.05 17.46 -1.71
C ASP A 517 -33.32 16.28 -2.36
N THR A 518 -33.45 16.15 -3.67
CA THR A 518 -32.79 15.08 -4.41
C THR A 518 -31.27 15.21 -4.33
N LEU A 519 -30.57 14.10 -4.44
CA LEU A 519 -29.12 14.07 -4.28
C LEU A 519 -28.40 14.27 -5.61
N VAL A 520 -27.25 14.92 -5.58
CA VAL A 520 -26.38 15.06 -6.74
C VAL A 520 -24.93 14.84 -6.34
N GLY A 521 -24.04 14.63 -7.31
CA GLY A 521 -22.62 14.48 -7.02
C GLY A 521 -21.92 13.52 -7.96
N GLU A 522 -20.74 13.05 -7.54
CA GLU A 522 -20.03 12.01 -8.25
C GLU A 522 -20.66 10.66 -7.91
N ARG A 523 -21.07 10.51 -6.66
CA ARG A 523 -21.74 9.29 -6.22
C ARG A 523 -23.24 9.49 -6.14
N GLY A 524 -23.96 8.81 -7.04
CA GLY A 524 -25.41 8.78 -7.00
C GLY A 524 -26.07 9.85 -7.84
N ALA A 525 -27.24 9.51 -8.39
CA ALA A 525 -28.07 10.46 -9.13
C ALA A 525 -27.28 11.17 -10.22
N GLN A 526 -26.63 10.40 -11.09
CA GLN A 526 -25.92 10.98 -12.22
C GLN A 526 -26.95 11.43 -13.27
N LEU A 527 -26.90 12.71 -13.61
CA LEU A 527 -27.93 13.31 -14.46
C LEU A 527 -27.38 13.72 -15.83
N SER A 528 -28.28 14.23 -16.68
CA SER A 528 -27.89 14.73 -17.99
C SER A 528 -27.03 15.97 -17.83
N GLY A 529 -26.09 16.16 -18.74
CA GLY A 529 -25.19 17.30 -18.69
C GLY A 529 -25.94 18.62 -18.71
N GLY A 530 -26.93 18.73 -19.59
CA GLY A 530 -27.70 19.94 -19.74
C GLY A 530 -28.45 20.30 -18.47
N GLN A 531 -28.89 19.29 -17.74
CA GLN A 531 -29.60 19.50 -16.49
C GLN A 531 -28.64 20.07 -15.45
N LYS A 532 -27.47 19.46 -15.36
CA LYS A 532 -26.42 19.92 -14.45
C LYS A 532 -26.01 21.34 -14.79
N GLN A 533 -25.91 21.61 -16.09
CA GLN A 533 -25.57 22.95 -16.58
C GLN A 533 -26.65 23.95 -16.19
N ARG A 534 -27.91 23.56 -16.37
CA ARG A 534 -29.03 24.40 -15.98
C ARG A 534 -28.99 24.69 -14.48
N ILE A 535 -28.75 23.65 -13.68
CA ILE A 535 -28.60 23.83 -12.24
C ILE A 535 -27.47 24.82 -11.96
N ALA A 536 -26.36 24.66 -12.67
CA ALA A 536 -25.24 25.59 -12.53
C ALA A 536 -25.65 27.01 -12.88
N ILE A 537 -26.41 27.16 -13.96
CA ILE A 537 -26.86 28.49 -14.40
C ILE A 537 -27.80 29.07 -13.35
N ALA A 538 -28.64 28.24 -12.76
CA ALA A 538 -29.53 28.67 -11.69
C ALA A 538 -28.70 29.15 -10.49
N ARG A 539 -27.73 28.34 -10.10
CA ARG A 539 -26.81 28.68 -9.03
C ARG A 539 -26.17 30.03 -9.30
N ALA A 540 -25.69 30.21 -10.53
CA ALA A 540 -25.12 31.47 -10.96
C ALA A 540 -26.17 32.58 -10.97
N LEU A 541 -27.41 32.22 -11.29
CA LEU A 541 -28.49 33.19 -11.37
C LEU A 541 -28.91 33.69 -10.00
N VAL A 542 -28.81 32.83 -8.98
CA VAL A 542 -29.08 33.25 -7.60
C VAL A 542 -28.07 34.32 -7.19
N ARG A 543 -26.88 34.26 -7.78
CA ARG A 543 -25.82 35.22 -7.48
C ARG A 543 -26.20 36.64 -7.87
N ASN A 544 -27.25 36.77 -8.68
CA ASN A 544 -27.70 38.06 -9.23
C ASN A 544 -26.56 38.98 -9.63
N PRO A 545 -25.64 38.50 -10.47
CA PRO A 545 -24.42 39.23 -10.83
C PRO A 545 -24.65 40.35 -11.82
N LYS A 546 -23.82 41.39 -11.76
CA LYS A 546 -23.86 42.46 -12.75
C LYS A 546 -23.11 42.03 -14.01
N ILE A 547 -22.11 41.17 -13.81
CA ILE A 547 -21.25 40.69 -14.90
C ILE A 547 -21.47 39.19 -15.09
N LEU A 548 -21.51 38.74 -16.34
CA LEU A 548 -21.71 37.32 -16.64
C LEU A 548 -20.65 36.81 -17.60
N LEU A 549 -20.06 35.67 -17.27
CA LEU A 549 -19.02 35.06 -18.09
C LEU A 549 -19.41 33.62 -18.45
N LEU A 550 -19.63 33.40 -19.74
CA LEU A 550 -20.04 32.10 -20.25
C LEU A 550 -18.96 31.52 -21.17
N ASP A 551 -18.28 30.47 -20.70
CA ASP A 551 -17.22 29.85 -21.49
C ASP A 551 -17.59 28.45 -21.93
N GLU A 552 -17.89 28.31 -23.22
CA GLU A 552 -18.17 27.02 -23.85
C GLU A 552 -19.18 26.19 -23.06
N ALA A 553 -20.11 26.87 -22.40
CA ALA A 553 -21.14 26.19 -21.62
C ALA A 553 -22.10 25.43 -22.54
N THR A 554 -22.31 25.96 -23.74
CA THR A 554 -23.14 25.29 -24.73
C THR A 554 -22.37 24.16 -25.40
N SER A 555 -21.04 24.31 -25.46
CA SER A 555 -20.19 23.32 -26.10
C SER A 555 -20.10 22.04 -25.25
N ALA A 556 -19.73 20.94 -25.91
CA ALA A 556 -19.61 19.64 -25.24
C ALA A 556 -20.95 19.21 -24.64
N LEU A 557 -22.01 19.32 -25.44
CA LEU A 557 -23.35 18.95 -24.99
C LEU A 557 -24.20 18.53 -26.17
N ASP A 558 -25.22 17.69 -25.90
CA ASP A 558 -26.11 17.22 -26.96
C ASP A 558 -26.85 18.38 -27.60
N THR A 559 -27.15 18.23 -28.89
CA THR A 559 -27.77 19.32 -29.66
C THR A 559 -29.20 19.61 -29.22
N GLU A 560 -29.89 18.59 -28.73
CA GLU A 560 -31.29 18.74 -28.33
C GLU A 560 -31.42 19.59 -27.07
N SER A 561 -30.70 19.20 -26.02
CA SER A 561 -30.75 19.93 -24.76
C SER A 561 -29.99 21.25 -24.85
N GLU A 562 -29.15 21.37 -25.88
CA GLU A 562 -28.38 22.59 -26.08
C GLU A 562 -29.28 23.80 -26.21
N ALA A 563 -30.37 23.65 -26.97
CA ALA A 563 -31.33 24.74 -27.15
C ALA A 563 -32.02 25.04 -25.82
N VAL A 564 -32.35 23.98 -25.09
CA VAL A 564 -33.02 24.11 -23.80
C VAL A 564 -32.16 24.95 -22.86
N VAL A 565 -30.87 24.60 -22.77
CA VAL A 565 -29.93 25.35 -21.94
C VAL A 565 -29.63 26.72 -22.55
N GLN A 566 -29.67 26.80 -23.88
CA GLN A 566 -29.40 28.06 -24.57
C GLN A 566 -30.49 29.08 -24.23
N ALA A 567 -31.73 28.60 -24.15
CA ALA A 567 -32.85 29.44 -23.74
C ALA A 567 -32.56 30.07 -22.38
N ALA A 568 -32.11 29.24 -21.45
CA ALA A 568 -31.73 29.70 -20.12
C ALA A 568 -30.60 30.73 -20.22
N LEU A 569 -29.53 30.36 -20.92
CA LEU A 569 -28.39 31.26 -21.09
C LEU A 569 -28.81 32.61 -21.63
N ASP A 570 -29.70 32.63 -22.61
CA ASP A 570 -30.21 33.89 -23.14
C ASP A 570 -31.07 34.60 -22.11
N LYS A 571 -31.86 33.82 -21.36
CA LYS A 571 -32.68 34.40 -20.31
C LYS A 571 -31.85 34.84 -19.10
N ALA A 572 -30.63 34.32 -18.99
CA ALA A 572 -29.72 34.68 -17.90
C ALA A 572 -29.11 36.05 -18.16
N ARG A 573 -29.04 36.43 -19.43
CA ARG A 573 -28.61 37.76 -19.83
C ARG A 573 -29.80 38.72 -19.75
N GLU A 574 -29.64 39.90 -20.35
CA GLU A 574 -30.68 40.92 -20.48
C GLU A 574 -30.83 41.79 -19.23
N GLY A 575 -30.25 41.34 -18.12
CA GLY A 575 -30.14 42.17 -16.93
C GLY A 575 -28.68 42.53 -16.67
N ARG A 576 -27.80 42.17 -17.60
CA ARG A 576 -26.36 42.14 -17.33
C ARG A 576 -25.52 42.42 -18.57
N THR A 577 -24.24 42.72 -18.32
CA THR A 577 -23.23 42.77 -19.37
C THR A 577 -22.57 41.39 -19.45
N THR A 578 -22.25 40.93 -20.65
CA THR A 578 -21.79 39.55 -20.82
C THR A 578 -20.66 39.35 -21.83
N ILE A 579 -19.69 38.53 -21.45
CA ILE A 579 -18.63 38.08 -22.34
C ILE A 579 -18.78 36.57 -22.55
N VAL A 580 -19.12 36.16 -23.78
CA VAL A 580 -19.37 34.75 -24.08
C VAL A 580 -18.32 34.18 -25.02
N ILE A 581 -17.96 32.92 -24.77
CA ILE A 581 -17.01 32.18 -25.61
C ILE A 581 -17.54 30.79 -25.89
N ALA A 582 -17.50 30.38 -27.15
CA ALA A 582 -17.87 29.01 -27.51
C ALA A 582 -17.40 28.66 -28.92
N HIS A 583 -17.62 27.41 -29.31
CA HIS A 583 -17.36 26.96 -30.67
C HIS A 583 -18.65 26.97 -31.49
N ARG A 584 -19.75 27.34 -30.85
CA ARG A 584 -21.05 27.37 -31.49
C ARG A 584 -21.33 28.75 -32.08
N LEU A 585 -21.38 28.82 -33.40
CA LEU A 585 -21.64 30.07 -34.10
C LEU A 585 -23.15 30.25 -34.32
N SER A 586 -23.93 29.36 -33.73
CA SER A 586 -25.37 29.50 -33.71
C SER A 586 -25.80 30.56 -32.70
N THR A 587 -25.05 30.65 -31.60
CA THR A 587 -25.38 31.56 -30.51
C THR A 587 -24.71 32.94 -30.63
N VAL A 588 -23.77 33.06 -31.57
CA VAL A 588 -22.96 34.27 -31.67
C VAL A 588 -23.68 35.40 -32.42
N ARG A 589 -24.53 35.04 -33.39
CA ARG A 589 -25.15 36.02 -34.28
C ARG A 589 -25.83 37.16 -33.54
N ASN A 590 -26.56 36.81 -32.47
CA ASN A 590 -27.31 37.79 -31.71
C ASN A 590 -26.43 38.65 -30.78
N ALA A 591 -25.14 38.33 -30.72
CA ALA A 591 -24.20 39.13 -29.94
C ALA A 591 -24.15 40.54 -30.51
N ASP A 592 -23.88 41.51 -29.65
CA ASP A 592 -23.78 42.91 -30.06
C ASP A 592 -22.44 43.16 -30.73
N VAL A 593 -21.41 42.46 -30.26
CA VAL A 593 -20.07 42.56 -30.86
C VAL A 593 -19.39 41.20 -30.84
N ILE A 594 -18.72 40.87 -31.94
CA ILE A 594 -17.96 39.63 -32.06
C ILE A 594 -16.49 39.96 -32.21
N ALA A 595 -15.63 39.22 -31.51
CA ALA A 595 -14.20 39.51 -31.49
C ALA A 595 -13.36 38.28 -31.79
N GLY A 596 -12.58 38.35 -32.86
CA GLY A 596 -11.66 37.28 -33.23
C GLY A 596 -10.26 37.52 -32.70
N PHE A 597 -9.50 36.44 -32.50
CA PHE A 597 -8.11 36.53 -32.05
C PHE A 597 -7.19 35.76 -32.99
N ASP A 598 -5.97 36.27 -33.15
CA ASP A 598 -4.92 35.56 -33.88
C ASP A 598 -3.59 35.68 -33.14
N GLY A 599 -3.05 34.54 -32.71
CA GLY A 599 -1.78 34.52 -32.00
C GLY A 599 -1.77 35.41 -30.77
N GLY A 600 -2.88 35.45 -30.06
CA GLY A 600 -3.01 36.26 -28.86
C GLY A 600 -3.29 37.72 -29.17
N VAL A 601 -3.32 38.05 -30.45
CA VAL A 601 -3.55 39.42 -30.90
C VAL A 601 -4.99 39.60 -31.34
N ILE A 602 -5.69 40.57 -30.74
CA ILE A 602 -7.03 40.93 -31.16
C ILE A 602 -6.95 41.56 -32.55
N VAL A 603 -7.81 41.09 -33.46
CA VAL A 603 -7.84 41.60 -34.83
C VAL A 603 -9.22 42.13 -35.20
N GLU A 604 -10.15 41.22 -35.43
CA GLU A 604 -11.47 41.57 -35.95
C GLU A 604 -12.45 41.90 -34.84
N GLN A 605 -13.17 43.01 -35.00
CA GLN A 605 -14.26 43.36 -34.12
C GLN A 605 -15.39 44.01 -34.91
N GLY A 606 -16.63 43.59 -34.63
CA GLY A 606 -17.78 44.19 -35.27
C GLY A 606 -18.98 43.28 -35.30
N ASN A 607 -20.09 43.80 -35.83
CA ASN A 607 -21.31 43.02 -35.99
C ASN A 607 -21.10 41.93 -37.04
N HIS A 608 -21.97 40.93 -37.03
CA HIS A 608 -21.83 39.78 -37.92
C HIS A 608 -21.65 40.15 -39.38
N ASP A 609 -22.58 40.93 -39.92
CA ASP A 609 -22.55 41.31 -41.34
C ASP A 609 -21.21 41.95 -41.70
N GLU A 610 -20.70 42.76 -40.79
CA GLU A 610 -19.44 43.46 -40.99
C GLU A 610 -18.28 42.46 -41.09
N LEU A 611 -18.26 41.50 -40.16
CA LEU A 611 -17.22 40.48 -40.14
C LEU A 611 -17.32 39.56 -41.35
N MET A 612 -18.55 39.32 -41.81
CA MET A 612 -18.76 38.53 -43.01
C MET A 612 -18.34 39.33 -44.25
N ARG A 613 -18.53 40.64 -44.21
CA ARG A 613 -18.04 41.52 -45.25
C ARG A 613 -16.51 41.63 -45.20
N GLU A 614 -15.95 41.52 -44.00
CA GLU A 614 -14.51 41.55 -43.82
C GLU A 614 -13.85 40.31 -44.44
N LYS A 615 -14.60 39.20 -44.47
CA LYS A 615 -14.12 37.95 -45.06
C LYS A 615 -12.82 37.50 -44.38
N GLY A 616 -12.71 37.77 -43.09
CA GLY A 616 -11.51 37.45 -42.34
C GLY A 616 -11.57 36.10 -41.65
N ILE A 617 -10.92 36.02 -40.49
CA ILE A 617 -10.84 34.77 -39.72
C ILE A 617 -12.23 34.25 -39.38
N TYR A 618 -13.11 35.14 -38.94
CA TYR A 618 -14.47 34.76 -38.59
C TYR A 618 -15.18 34.10 -39.76
N PHE A 619 -15.23 34.80 -40.89
CA PHE A 619 -15.82 34.27 -42.13
C PHE A 619 -15.19 32.93 -42.49
N LYS A 620 -13.88 32.83 -42.31
CA LYS A 620 -13.13 31.60 -42.57
C LYS A 620 -13.68 30.46 -41.71
N LEU A 621 -13.76 30.69 -40.41
CA LEU A 621 -14.29 29.68 -39.48
C LEU A 621 -15.76 29.39 -39.76
N VAL A 622 -16.50 30.38 -40.24
CA VAL A 622 -17.90 30.18 -40.61
C VAL A 622 -17.98 29.22 -41.79
N MET A 623 -17.17 29.48 -42.82
CA MET A 623 -17.15 28.62 -44.00
C MET A 623 -16.60 27.23 -43.67
N THR A 624 -15.62 27.17 -42.77
CA THR A 624 -15.02 25.90 -42.38
C THR A 624 -16.04 25.00 -41.67
N GLN A 625 -16.79 25.57 -40.73
CA GLN A 625 -17.76 24.81 -39.95
C GLN A 625 -19.13 24.77 -40.62
N THR A 626 -19.23 25.36 -41.80
CA THR A 626 -20.48 25.40 -42.55
C THR A 626 -21.57 26.16 -41.77
N PRO A 689 -12.80 -15.19 3.83
CA PRO A 689 -12.47 -16.51 3.30
C PRO A 689 -11.34 -17.20 4.06
N PRO A 690 -11.57 -17.50 5.35
CA PRO A 690 -10.57 -18.13 6.21
C PRO A 690 -10.44 -19.63 6.00
N ALA A 691 -9.22 -20.16 6.10
CA ALA A 691 -9.02 -21.60 6.22
C ALA A 691 -8.04 -21.90 7.35
N SER A 692 -8.54 -22.48 8.44
CA SER A 692 -7.68 -22.85 9.56
C SER A 692 -7.65 -24.37 9.67
N PHE A 693 -6.52 -24.95 9.27
CA PHE A 693 -6.39 -26.41 9.18
C PHE A 693 -5.01 -26.86 9.63
N TRP A 694 -4.92 -28.10 10.09
CA TRP A 694 -3.64 -28.78 10.20
C TRP A 694 -3.37 -29.47 8.86
N ARG A 695 -4.34 -29.37 7.96
CA ARG A 695 -4.18 -29.77 6.57
C ARG A 695 -2.96 -29.08 5.95
N ILE A 696 -2.77 -27.82 6.30
CA ILE A 696 -1.60 -27.08 5.84
C ILE A 696 -0.34 -27.75 6.39
N LEU A 697 -0.48 -28.30 7.60
CA LEU A 697 0.62 -28.96 8.29
C LEU A 697 0.79 -30.37 7.74
N LYS A 698 -0.32 -30.97 7.29
CA LYS A 698 -0.28 -32.30 6.68
C LYS A 698 0.63 -32.30 5.45
N LEU A 699 0.85 -31.12 4.88
CA LEU A 699 1.74 -31.00 3.73
C LEU A 699 3.19 -31.02 4.18
N ASN A 700 3.50 -30.35 5.29
CA ASN A 700 4.86 -30.39 5.82
C ASN A 700 5.06 -31.64 6.70
N SER A 701 3.97 -32.40 6.91
CA SER A 701 4.08 -33.74 7.48
C SER A 701 4.98 -34.63 6.60
N THR A 702 5.30 -34.17 5.40
CA THR A 702 6.32 -34.81 4.57
C THR A 702 7.56 -35.08 5.40
N GLU A 703 7.91 -34.14 6.26
CA GLU A 703 9.00 -34.32 7.21
C GLU A 703 8.43 -34.63 8.59
N TRP A 704 8.54 -35.90 8.99
CA TRP A 704 8.26 -36.30 10.36
C TRP A 704 9.37 -35.78 11.28
N PRO A 705 10.64 -35.94 10.86
CA PRO A 705 11.72 -35.30 11.62
C PRO A 705 11.83 -33.81 11.34
N TYR A 706 12.89 -33.18 11.84
CA TYR A 706 13.13 -31.73 11.71
C TYR A 706 12.16 -30.90 12.55
N PHE A 707 11.15 -31.56 13.11
CA PHE A 707 10.15 -30.90 13.96
C PHE A 707 10.33 -31.38 15.39
N VAL A 708 10.17 -32.69 15.58
CA VAL A 708 10.40 -33.33 16.87
C VAL A 708 11.74 -32.87 17.45
N VAL A 709 12.74 -32.78 16.58
CA VAL A 709 14.06 -32.30 16.98
C VAL A 709 13.96 -30.89 17.54
N GLY A 710 13.36 -29.99 16.77
CA GLY A 710 13.24 -28.60 17.16
C GLY A 710 12.40 -28.40 18.41
N ILE A 711 11.31 -29.16 18.52
CA ILE A 711 10.41 -29.03 19.67
C ILE A 711 11.04 -29.62 20.93
N PHE A 712 11.61 -30.81 20.80
CA PHE A 712 12.35 -31.44 21.90
C PHE A 712 13.46 -30.51 22.38
N CYS A 713 14.21 -30.00 21.41
CA CYS A 713 15.30 -29.07 21.68
C CYS A 713 14.78 -27.77 22.32
N ALA A 714 13.66 -27.28 21.80
CA ALA A 714 13.09 -26.01 22.28
C ALA A 714 12.39 -26.18 23.62
N ILE A 715 11.97 -27.41 23.92
CA ILE A 715 11.39 -27.71 25.22
C ILE A 715 12.52 -27.86 26.23
N ILE A 716 13.61 -28.48 25.79
CA ILE A 716 14.82 -28.53 26.60
C ILE A 716 15.29 -27.11 26.90
N ASN A 717 15.27 -26.25 25.87
CA ASN A 717 15.54 -24.83 26.05
C ASN A 717 14.52 -24.21 27.00
N GLY A 718 13.26 -24.62 26.83
CA GLY A 718 12.19 -24.20 27.70
C GLY A 718 12.43 -24.69 29.12
N GLY A 719 13.11 -25.81 29.26
CA GLY A 719 13.47 -26.34 30.57
C GLY A 719 14.77 -25.72 31.04
N LEU A 720 15.55 -25.23 30.09
CA LEU A 720 16.81 -24.56 30.37
C LEU A 720 16.54 -23.16 30.91
N GLN A 721 15.49 -22.52 30.39
CA GLN A 721 15.20 -21.12 30.74
C GLN A 721 15.03 -20.87 32.25
N PRO A 722 14.20 -21.68 32.95
CA PRO A 722 14.08 -21.39 34.38
C PRO A 722 15.33 -21.74 35.18
N ALA A 723 16.21 -22.55 34.61
CA ALA A 723 17.44 -22.92 35.30
C ALA A 723 18.31 -21.69 35.53
N PHE A 724 18.18 -20.70 34.64
CA PHE A 724 18.85 -19.43 34.82
C PHE A 724 18.40 -18.75 36.11
N SER A 725 17.15 -18.99 36.50
CA SER A 725 16.59 -18.42 37.74
C SER A 725 17.05 -19.16 38.98
N VAL A 726 17.03 -20.49 38.91
CA VAL A 726 17.33 -21.34 40.06
C VAL A 726 18.72 -21.03 40.60
N ILE A 727 19.68 -20.86 39.70
CA ILE A 727 21.03 -20.47 40.08
C ILE A 727 21.04 -19.09 40.76
N PHE A 728 20.55 -18.07 40.04
CA PHE A 728 20.52 -16.70 40.54
C PHE A 728 19.88 -16.64 41.92
N SER A 729 18.89 -17.50 42.14
CA SER A 729 18.29 -17.64 43.46
C SER A 729 19.32 -18.14 44.46
N LYS A 730 19.97 -19.25 44.14
CA LYS A 730 20.89 -19.89 45.08
C LYS A 730 22.23 -19.15 45.17
N VAL A 731 22.60 -18.42 44.13
CA VAL A 731 23.80 -17.59 44.19
C VAL A 731 23.62 -16.58 45.32
N VAL A 732 22.55 -15.79 45.24
CA VAL A 732 22.22 -14.86 46.32
C VAL A 732 21.64 -15.65 47.50
N GLY A 733 21.04 -16.80 47.21
CA GLY A 733 20.44 -17.63 48.24
C GLY A 733 21.46 -18.19 49.20
N VAL A 734 22.46 -18.89 48.66
CA VAL A 734 23.50 -19.48 49.51
C VAL A 734 24.29 -18.37 50.17
N PHE A 735 24.50 -17.28 49.44
CA PHE A 735 25.24 -16.13 49.94
C PHE A 735 24.48 -15.45 51.07
N THR A 736 23.15 -15.49 51.00
CA THR A 736 22.31 -15.00 52.10
C THR A 736 22.21 -16.06 53.18
N ASN A 737 22.14 -17.33 52.75
CA ASN A 737 21.99 -18.46 53.66
C ASN A 737 23.34 -19.00 54.11
N GLY A 738 24.41 -18.30 53.73
CA GLY A 738 25.77 -18.77 53.91
C GLY A 738 26.17 -19.24 55.29
N GLY A 739 25.88 -18.45 56.31
CA GLY A 739 26.38 -18.76 57.64
C GLY A 739 27.89 -18.59 57.65
N PRO A 740 28.63 -19.66 58.01
CA PRO A 740 30.09 -19.52 58.00
C PRO A 740 30.62 -19.12 56.63
N PRO A 741 31.44 -18.05 56.55
CA PRO A 741 31.86 -17.49 55.26
C PRO A 741 32.85 -18.34 54.48
N GLU A 742 33.66 -19.13 55.18
CA GLU A 742 34.74 -19.91 54.56
C GLU A 742 34.26 -20.74 53.37
N THR A 743 33.07 -21.32 53.50
CA THR A 743 32.54 -22.20 52.45
C THR A 743 31.88 -21.43 51.31
N GLN A 744 31.66 -20.14 51.50
CA GLN A 744 30.93 -19.34 50.52
C GLN A 744 31.72 -19.10 49.24
N ARG A 745 32.91 -18.51 49.39
CA ARG A 745 33.71 -18.09 48.25
C ARG A 745 34.02 -19.25 47.31
N GLN A 746 34.00 -20.46 47.84
CA GLN A 746 34.22 -21.65 47.03
C GLN A 746 32.96 -22.03 46.24
N ASN A 747 31.79 -21.75 46.82
CA ASN A 747 30.53 -22.11 46.19
C ASN A 747 30.14 -21.13 45.09
N SER A 748 30.32 -19.84 45.37
CA SER A 748 29.98 -18.80 44.41
C SER A 748 30.79 -18.97 43.13
N ASN A 749 31.92 -19.65 43.23
CA ASN A 749 32.72 -20.00 42.06
C ASN A 749 32.15 -21.21 41.34
N LEU A 750 31.44 -22.07 42.07
CA LEU A 750 30.83 -23.25 41.48
C LEU A 750 29.53 -22.88 40.75
N PHE A 751 28.78 -21.94 41.31
CA PHE A 751 27.58 -21.43 40.64
C PHE A 751 27.96 -20.57 39.43
N SER A 752 28.81 -19.56 39.65
CA SER A 752 29.19 -18.64 38.58
C SER A 752 29.72 -19.38 37.37
N LEU A 753 30.44 -20.48 37.62
CA LEU A 753 30.81 -21.41 36.56
C LEU A 753 29.55 -21.94 35.89
N LEU A 754 28.77 -22.70 36.66
CA LEU A 754 27.53 -23.31 36.18
C LEU A 754 26.63 -22.28 35.49
N PHE A 755 26.55 -21.09 36.10
CA PHE A 755 25.79 -19.96 35.56
C PHE A 755 26.13 -19.77 34.09
N LEU A 756 27.40 -19.95 33.76
CA LEU A 756 27.86 -19.87 32.38
C LEU A 756 27.57 -21.18 31.63
N ILE A 757 27.59 -22.30 32.33
CA ILE A 757 27.46 -23.61 31.69
C ILE A 757 26.10 -23.75 31.03
N LEU A 758 25.07 -23.26 31.70
CA LEU A 758 23.75 -23.19 31.09
C LEU A 758 23.77 -22.23 29.92
N GLY A 759 24.73 -21.31 29.93
CA GLY A 759 24.87 -20.36 28.83
C GLY A 759 25.34 -21.05 27.57
N ILE A 760 26.50 -21.70 27.63
CA ILE A 760 27.08 -22.31 26.44
C ILE A 760 26.14 -23.36 25.87
N ILE A 761 25.53 -24.16 26.72
CA ILE A 761 24.57 -25.16 26.27
C ILE A 761 23.36 -24.47 25.63
N SER A 762 23.14 -23.20 25.96
CA SER A 762 22.05 -22.45 25.36
C SER A 762 22.39 -22.15 23.91
N PHE A 763 23.69 -22.13 23.59
CA PHE A 763 24.13 -21.86 22.23
C PHE A 763 23.77 -23.03 21.33
N ILE A 764 23.95 -24.24 21.86
CA ILE A 764 23.67 -25.45 21.12
C ILE A 764 22.18 -25.59 20.86
N THR A 765 21.38 -25.40 21.90
CA THR A 765 19.94 -25.59 21.79
C THR A 765 19.26 -24.47 20.99
N PHE A 766 19.72 -23.23 21.16
CA PHE A 766 19.12 -22.12 20.45
C PHE A 766 19.40 -22.21 18.96
N PHE A 767 20.66 -22.47 18.62
CA PHE A 767 21.06 -22.63 17.22
C PHE A 767 20.29 -23.77 16.58
N LEU A 768 20.12 -24.86 17.31
CA LEU A 768 19.37 -26.01 16.81
C LEU A 768 17.95 -25.63 16.44
N GLN A 769 17.14 -25.28 17.43
CA GLN A 769 15.70 -25.07 17.22
C GLN A 769 15.43 -23.97 16.20
N GLY A 770 16.42 -23.11 15.98
CA GLY A 770 16.34 -22.11 14.93
C GLY A 770 16.68 -22.70 13.57
N PHE A 771 17.64 -23.63 13.57
CA PHE A 771 18.12 -24.23 12.34
C PHE A 771 17.16 -25.29 11.81
N THR A 772 16.62 -26.10 12.71
CA THR A 772 15.68 -27.15 12.33
C THR A 772 14.39 -26.53 11.80
N PHE A 773 13.93 -25.46 12.44
CA PHE A 773 12.72 -24.77 12.01
C PHE A 773 12.97 -23.97 10.74
N GLY A 774 14.18 -23.43 10.61
CA GLY A 774 14.54 -22.67 9.42
C GLY A 774 14.57 -23.53 8.18
N LYS A 775 15.39 -24.59 8.22
CA LYS A 775 15.52 -25.50 7.10
C LYS A 775 14.17 -26.09 6.73
N ALA A 776 13.36 -26.34 7.76
CA ALA A 776 12.02 -26.87 7.54
C ALA A 776 11.13 -25.82 6.88
N GLY A 777 11.48 -24.55 7.03
CA GLY A 777 10.71 -23.46 6.45
C GLY A 777 10.99 -23.28 4.98
N GLU A 778 12.25 -23.42 4.60
CA GLU A 778 12.67 -23.17 3.22
C GLU A 778 12.26 -24.30 2.28
N ILE A 779 12.16 -25.52 2.81
CA ILE A 779 11.80 -26.66 1.96
C ILE A 779 10.33 -26.58 1.53
N LEU A 780 9.42 -26.40 2.49
CA LEU A 780 8.00 -26.40 2.14
C LEU A 780 7.68 -25.21 1.26
N THR A 781 8.46 -24.13 1.40
CA THR A 781 8.33 -22.98 0.52
C THR A 781 8.61 -23.40 -0.92
N LYS A 782 9.46 -24.42 -1.09
CA LYS A 782 9.71 -24.95 -2.43
C LYS A 782 8.53 -25.83 -2.83
N ARG A 783 8.07 -26.66 -1.91
CA ARG A 783 6.95 -27.56 -2.18
C ARG A 783 5.69 -26.77 -2.51
N LEU A 784 5.37 -25.76 -1.72
CA LEU A 784 4.17 -24.96 -1.95
C LEU A 784 4.22 -24.26 -3.31
N ARG A 785 5.21 -23.41 -3.48
CA ARG A 785 5.33 -22.60 -4.70
C ARG A 785 5.42 -23.48 -5.95
N TYR A 786 6.04 -24.64 -5.79
CA TYR A 786 6.10 -25.62 -6.87
C TYR A 786 4.71 -26.19 -7.13
N MET A 787 3.92 -26.34 -6.07
CA MET A 787 2.58 -26.89 -6.20
C MET A 787 1.59 -25.82 -6.64
N VAL A 788 1.84 -24.58 -6.23
CA VAL A 788 0.99 -23.46 -6.63
C VAL A 788 1.21 -23.14 -8.10
N PHE A 789 2.47 -23.01 -8.49
CA PHE A 789 2.81 -22.67 -9.87
C PHE A 789 2.30 -23.72 -10.84
N LYS A 790 2.63 -24.98 -10.55
CA LYS A 790 2.19 -26.12 -11.35
C LYS A 790 0.70 -26.02 -11.66
N SER A 791 -0.11 -26.07 -10.61
CA SER A 791 -1.55 -25.98 -10.75
C SER A 791 -2.00 -24.68 -11.43
N MET A 792 -1.13 -23.69 -11.52
CA MET A 792 -1.49 -22.44 -12.20
C MET A 792 -1.33 -22.60 -13.70
N LEU A 793 -0.54 -23.59 -14.12
CA LEU A 793 -0.36 -23.89 -15.53
C LEU A 793 -1.41 -24.91 -15.97
N ARG A 794 -2.13 -25.47 -15.00
CA ARG A 794 -3.22 -26.41 -15.28
C ARG A 794 -4.44 -25.67 -15.78
N GLN A 795 -4.71 -24.51 -15.19
CA GLN A 795 -5.89 -23.72 -15.53
C GLN A 795 -5.86 -23.32 -16.99
N ASP A 796 -7.05 -23.13 -17.57
CA ASP A 796 -7.15 -22.79 -18.99
C ASP A 796 -7.19 -21.27 -19.19
N VAL A 797 -7.27 -20.86 -20.45
CA VAL A 797 -7.27 -19.45 -20.81
C VAL A 797 -8.45 -18.71 -20.18
N SER A 798 -9.54 -19.45 -19.93
CA SER A 798 -10.73 -18.87 -19.31
C SER A 798 -10.41 -18.18 -18.00
N TRP A 799 -9.50 -18.80 -17.24
CA TRP A 799 -9.15 -18.30 -15.91
C TRP A 799 -8.14 -17.15 -16.00
N PHE A 800 -7.33 -17.17 -17.05
CA PHE A 800 -6.30 -16.15 -17.24
C PHE A 800 -6.85 -14.88 -17.89
N ASP A 801 -8.03 -14.98 -18.48
CA ASP A 801 -8.69 -13.81 -19.06
C ASP A 801 -9.40 -13.01 -17.99
N ASP A 802 -9.59 -13.63 -16.83
CA ASP A 802 -10.28 -13.00 -15.72
C ASP A 802 -9.62 -11.68 -15.33
N PRO A 803 -10.41 -10.60 -15.19
CA PRO A 803 -9.81 -9.36 -14.70
C PRO A 803 -9.30 -9.49 -13.26
N LYS A 804 -9.80 -10.49 -12.54
CA LYS A 804 -9.42 -10.70 -11.15
C LYS A 804 -8.01 -11.27 -11.03
N ASN A 805 -7.60 -12.02 -12.06
CA ASN A 805 -6.27 -12.61 -12.09
C ASN A 805 -5.41 -12.02 -13.21
N THR A 806 -4.38 -11.27 -12.81
CA THR A 806 -3.41 -10.75 -13.76
C THR A 806 -2.02 -11.22 -13.35
N THR A 807 -1.08 -11.14 -14.28
CA THR A 807 0.29 -11.63 -14.07
C THR A 807 0.87 -11.13 -12.75
N GLY A 808 0.77 -9.81 -12.53
CA GLY A 808 1.27 -9.22 -11.31
C GLY A 808 0.56 -9.75 -10.08
N ALA A 809 -0.77 -9.80 -10.15
CA ALA A 809 -1.59 -10.29 -9.05
C ALA A 809 -1.30 -11.76 -8.77
N LEU A 810 -1.02 -12.51 -9.82
CA LEU A 810 -0.71 -13.92 -9.69
C LEU A 810 0.67 -14.13 -9.07
N THR A 811 1.66 -13.37 -9.53
CA THR A 811 3.01 -13.45 -8.98
C THR A 811 3.03 -12.97 -7.52
N THR A 812 2.23 -11.95 -7.24
CA THR A 812 2.11 -11.44 -5.88
C THR A 812 1.44 -12.48 -4.99
N ARG A 813 0.30 -13.00 -5.45
CA ARG A 813 -0.39 -14.07 -4.74
C ARG A 813 0.53 -15.28 -4.61
N LEU A 814 1.40 -15.47 -5.60
CA LEU A 814 2.34 -16.58 -5.59
C LEU A 814 3.42 -16.39 -4.53
N ALA A 815 3.96 -15.17 -4.45
CA ALA A 815 5.02 -14.88 -3.48
C ALA A 815 4.50 -14.78 -2.04
N ASN A 816 3.46 -13.98 -1.84
CA ASN A 816 2.98 -13.65 -0.50
C ASN A 816 2.57 -14.86 0.32
N ASP A 817 1.62 -15.64 -0.18
CA ASP A 817 1.08 -16.77 0.58
C ASP A 817 2.19 -17.74 1.01
N ALA A 818 3.04 -18.10 0.07
CA ALA A 818 4.16 -18.99 0.34
C ALA A 818 5.13 -18.33 1.33
N ALA A 819 5.30 -17.02 1.20
CA ALA A 819 6.12 -16.29 2.16
C ALA A 819 5.47 -16.25 3.55
N GLN A 820 4.14 -16.20 3.57
CA GLN A 820 3.40 -16.04 4.84
C GLN A 820 3.26 -17.34 5.63
N VAL A 821 2.96 -18.44 4.94
CA VAL A 821 2.79 -19.72 5.63
C VAL A 821 4.07 -20.15 6.34
N LYS A 822 5.21 -19.73 5.81
CA LYS A 822 6.50 -20.06 6.41
C LYS A 822 6.64 -19.45 7.80
N GLY A 823 6.03 -18.28 7.99
CA GLY A 823 6.10 -17.58 9.27
C GLY A 823 5.29 -18.25 10.37
N ALA A 824 4.19 -18.89 9.98
CA ALA A 824 3.32 -19.54 10.96
C ALA A 824 3.88 -20.89 11.38
N THR A 825 4.49 -21.61 10.44
CA THR A 825 5.12 -22.89 10.73
C THR A 825 6.56 -22.71 11.19
N GLY A 826 6.99 -21.45 11.28
CA GLY A 826 8.38 -21.11 11.55
C GLY A 826 8.69 -20.86 13.02
N SER A 827 9.61 -19.93 13.24
CA SER A 827 10.15 -19.61 14.56
C SER A 827 9.09 -19.40 15.65
N ARG A 828 8.00 -18.74 15.28
CA ARG A 828 6.96 -18.38 16.25
C ARG A 828 6.51 -19.60 17.06
N LEU A 829 6.12 -20.66 16.37
CA LEU A 829 5.68 -21.89 17.01
C LEU A 829 6.72 -22.40 18.01
N ALA A 830 7.98 -22.46 17.57
CA ALA A 830 9.08 -22.89 18.41
C ALA A 830 9.15 -22.04 19.67
N VAL A 831 9.05 -20.73 19.51
CA VAL A 831 9.07 -19.82 20.65
C VAL A 831 7.88 -20.08 21.57
N ILE A 832 6.70 -20.30 21.01
CA ILE A 832 5.52 -20.58 21.83
C ILE A 832 5.75 -21.84 22.66
N PHE A 833 6.17 -22.92 22.01
CA PHE A 833 6.47 -24.16 22.72
C PHE A 833 7.54 -23.92 23.80
N GLN A 834 8.56 -23.15 23.43
CA GLN A 834 9.63 -22.80 24.35
C GLN A 834 9.08 -22.04 25.57
N ASN A 835 8.14 -21.14 25.34
CA ASN A 835 7.57 -20.33 26.41
C ASN A 835 6.59 -21.08 27.30
N ILE A 836 5.78 -21.96 26.72
CA ILE A 836 4.89 -22.78 27.54
C ILE A 836 5.73 -23.76 28.35
N ALA A 837 6.76 -24.32 27.72
CA ALA A 837 7.70 -25.18 28.44
C ALA A 837 8.40 -24.40 29.55
N ASN A 838 8.80 -23.18 29.23
CA ASN A 838 9.41 -22.27 30.20
C ASN A 838 8.52 -22.04 31.42
N LEU A 839 7.31 -21.55 31.17
CA LEU A 839 6.38 -21.29 32.27
C LEU A 839 6.06 -22.57 33.00
N GLY A 840 5.97 -23.68 32.27
CA GLY A 840 5.65 -24.97 32.85
C GLY A 840 6.69 -25.49 33.83
N THR A 841 7.93 -25.57 33.38
CA THR A 841 9.03 -25.98 34.24
C THR A 841 9.16 -24.99 35.39
N GLY A 842 9.08 -23.70 35.05
CA GLY A 842 9.14 -22.65 36.05
C GLY A 842 8.07 -22.80 37.11
N ILE A 843 6.84 -23.11 36.69
CA ILE A 843 5.73 -23.18 37.63
C ILE A 843 5.80 -24.47 38.43
N ILE A 844 6.30 -25.55 37.83
CA ILE A 844 6.50 -26.78 38.59
C ILE A 844 7.52 -26.53 39.71
N ILE A 845 8.69 -26.00 39.35
CA ILE A 845 9.71 -25.70 40.35
C ILE A 845 9.15 -24.76 41.42
N SER A 846 8.63 -23.62 40.97
CA SER A 846 8.07 -22.62 41.86
C SER A 846 6.99 -23.20 42.78
N LEU A 847 6.12 -24.01 42.21
CA LEU A 847 4.99 -24.55 42.95
C LEU A 847 5.46 -25.57 43.97
N ILE A 848 6.42 -26.41 43.60
CA ILE A 848 6.91 -27.44 44.52
C ILE A 848 7.78 -26.83 45.61
N TYR A 849 8.49 -25.75 45.30
CA TYR A 849 9.30 -25.08 46.32
C TYR A 849 8.45 -24.23 47.25
N GLY A 850 7.96 -23.10 46.76
CA GLY A 850 7.05 -22.26 47.53
C GLY A 850 5.67 -22.89 47.65
N TRP A 851 5.19 -23.06 48.88
CA TRP A 851 3.83 -23.51 49.11
C TRP A 851 2.94 -22.28 49.28
N GLN A 852 2.01 -22.13 48.33
CA GLN A 852 1.11 -20.98 48.26
C GLN A 852 1.83 -19.66 47.96
N LEU A 853 3.16 -19.66 47.97
CA LEU A 853 3.92 -18.49 47.57
C LEU A 853 3.71 -18.31 46.08
N THR A 854 3.74 -19.43 45.38
CA THR A 854 3.57 -19.48 43.92
C THR A 854 2.08 -19.40 43.56
N LEU A 855 1.25 -20.11 44.32
CA LEU A 855 -0.18 -20.11 44.10
C LEU A 855 -0.72 -18.70 44.18
N LEU A 856 -0.08 -17.89 45.01
CA LEU A 856 -0.42 -16.48 45.13
C LEU A 856 -0.11 -15.74 43.85
N LEU A 857 1.14 -15.85 43.38
CA LEU A 857 1.56 -15.16 42.17
C LEU A 857 0.68 -15.55 41.00
N LEU A 858 0.38 -16.84 40.87
CA LEU A 858 -0.43 -17.31 39.76
C LEU A 858 -1.84 -16.72 39.79
N ALA A 859 -2.22 -16.10 40.91
CA ALA A 859 -3.44 -15.29 40.96
C ALA A 859 -3.18 -13.87 40.43
N ILE A 860 -1.99 -13.35 40.70
CA ILE A 860 -1.65 -11.97 40.33
C ILE A 860 -1.26 -11.82 38.85
N VAL A 861 -0.40 -12.71 38.40
CA VAL A 861 0.30 -12.55 37.12
C VAL A 861 -0.60 -12.65 35.90
N PRO A 862 -1.47 -13.67 35.83
CA PRO A 862 -2.33 -13.76 34.65
C PRO A 862 -3.26 -12.56 34.53
N ILE A 863 -3.45 -11.83 35.62
CA ILE A 863 -4.34 -10.68 35.62
C ILE A 863 -3.67 -9.46 34.99
N ILE A 864 -2.41 -9.22 35.32
CA ILE A 864 -1.69 -8.06 34.77
C ILE A 864 -1.36 -8.30 33.30
N ALA A 865 -1.19 -9.57 32.93
CA ALA A 865 -0.95 -9.93 31.54
C ALA A 865 -2.21 -9.69 30.70
N ILE A 866 -3.32 -10.23 31.19
CA ILE A 866 -4.61 -10.03 30.53
C ILE A 866 -4.99 -8.55 30.56
N ALA A 867 -4.61 -7.86 31.63
CA ALA A 867 -4.84 -6.42 31.74
C ALA A 867 -3.98 -5.67 30.71
N GLY A 868 -2.87 -6.28 30.30
CA GLY A 868 -2.00 -5.70 29.29
C GLY A 868 -2.55 -5.87 27.89
N VAL A 869 -3.20 -7.00 27.65
CA VAL A 869 -3.76 -7.30 26.33
C VAL A 869 -5.02 -6.47 26.08
N VAL A 870 -5.87 -6.35 27.10
CA VAL A 870 -7.11 -5.61 26.95
C VAL A 870 -6.83 -4.14 26.66
N GLU A 871 -5.71 -3.64 27.17
CA GLU A 871 -5.31 -2.26 26.93
C GLU A 871 -5.04 -2.03 25.46
N MET A 872 -4.35 -2.98 24.84
CA MET A 872 -4.01 -2.89 23.42
C MET A 872 -5.27 -2.99 22.55
N LYS A 873 -6.30 -3.65 23.08
CA LYS A 873 -7.56 -3.81 22.36
C LYS A 873 -8.33 -2.49 22.32
N MET A 874 -8.31 -1.76 23.44
CA MET A 874 -8.97 -0.46 23.50
C MET A 874 -8.21 0.56 22.67
N LEU A 875 -6.90 0.38 22.59
CA LEU A 875 -6.04 1.27 21.82
C LEU A 875 -6.37 1.19 20.34
N SER A 876 -6.57 -0.03 19.85
CA SER A 876 -6.90 -0.25 18.44
C SER A 876 -8.34 0.18 18.16
N GLY A 877 -9.21 0.00 19.15
CA GLY A 877 -10.61 0.37 19.00
C GLY A 877 -10.79 1.88 18.88
N GLN A 878 -10.09 2.63 19.73
CA GLN A 878 -10.12 4.09 19.65
C GLN A 878 -9.39 4.57 18.42
N ALA A 879 -8.39 3.81 17.98
CA ALA A 879 -7.62 4.14 16.80
C ALA A 879 -8.49 4.01 15.55
N LEU A 880 -9.19 2.87 15.44
CA LEU A 880 -10.06 2.63 14.29
C LEU A 880 -11.21 3.61 14.25
N LYS A 881 -11.83 3.87 15.40
CA LYS A 881 -12.96 4.77 15.48
C LYS A 881 -12.55 6.18 15.09
N ASP A 882 -11.35 6.57 15.49
CA ASP A 882 -10.85 7.91 15.18
C ASP A 882 -10.59 8.03 13.69
N LYS A 883 -10.08 6.97 13.08
CA LYS A 883 -9.82 6.94 11.64
C LYS A 883 -11.11 7.13 10.86
N LYS A 884 -12.21 6.61 11.40
CA LYS A 884 -13.50 6.67 10.74
C LYS A 884 -14.10 8.08 10.79
N GLU A 885 -13.81 8.81 11.86
CA GLU A 885 -14.38 10.15 12.03
C GLU A 885 -13.63 11.19 11.19
N LEU A 886 -12.30 11.12 11.17
CA LEU A 886 -11.51 12.05 10.39
C LEU A 886 -11.59 11.70 8.90
N GLU A 887 -11.98 10.47 8.61
CA GLU A 887 -12.21 10.04 7.23
C GLU A 887 -13.33 10.86 6.62
N GLY A 888 -14.30 11.24 7.44
CA GLY A 888 -15.42 12.04 7.00
C GLY A 888 -15.03 13.50 6.81
N SER A 889 -14.16 14.00 7.67
CA SER A 889 -13.69 15.37 7.58
C SER A 889 -12.68 15.53 6.45
N GLY A 890 -11.94 14.46 6.17
CA GLY A 890 -10.98 14.46 5.08
C GLY A 890 -11.66 14.26 3.74
N LYS A 891 -12.91 13.77 3.78
CA LYS A 891 -13.68 13.55 2.57
C LYS A 891 -14.23 14.87 2.04
N ILE A 892 -14.72 15.70 2.94
CA ILE A 892 -15.23 17.03 2.58
C ILE A 892 -14.07 17.94 2.17
N ALA A 893 -12.86 17.60 2.64
CA ALA A 893 -11.66 18.33 2.27
C ALA A 893 -11.27 18.01 0.84
N THR A 894 -11.34 16.73 0.49
CA THR A 894 -11.00 16.28 -0.85
C THR A 894 -11.98 16.88 -1.86
N GLU A 895 -13.25 16.90 -1.48
CA GLU A 895 -14.29 17.49 -2.32
C GLU A 895 -14.03 18.96 -2.57
N ALA A 896 -13.47 19.64 -1.58
CA ALA A 896 -13.27 21.08 -1.64
C ALA A 896 -12.05 21.47 -2.48
N ILE A 897 -10.95 20.73 -2.31
CA ILE A 897 -9.70 21.11 -2.95
C ILE A 897 -9.51 20.48 -4.33
N GLU A 898 -10.33 19.48 -4.67
CA GLU A 898 -10.28 18.88 -6.00
C GLU A 898 -11.07 19.71 -7.00
N ASN A 899 -12.21 20.21 -6.56
CA ASN A 899 -13.06 21.08 -7.37
C ASN A 899 -12.72 22.55 -7.17
N PHE A 900 -11.62 22.81 -6.47
CA PHE A 900 -11.28 24.14 -5.96
C PHE A 900 -11.47 25.28 -6.95
N ARG A 901 -11.00 25.09 -8.18
CA ARG A 901 -11.05 26.17 -9.16
C ARG A 901 -12.49 26.64 -9.37
N THR A 902 -13.45 25.78 -9.05
CA THR A 902 -14.85 26.17 -9.07
C THR A 902 -15.28 26.92 -7.82
N VAL A 903 -14.87 26.43 -6.65
CA VAL A 903 -15.36 27.01 -5.40
C VAL A 903 -14.81 28.43 -5.24
N VAL A 904 -13.61 28.68 -5.75
CA VAL A 904 -13.05 30.02 -5.70
C VAL A 904 -13.90 30.97 -6.54
N SER A 905 -14.49 30.44 -7.61
CA SER A 905 -15.31 31.24 -8.52
C SER A 905 -16.65 31.58 -7.89
N LEU A 906 -17.14 30.66 -7.05
CA LEU A 906 -18.39 30.86 -6.34
C LEU A 906 -18.15 31.46 -4.97
N THR A 907 -16.89 31.65 -4.62
CA THR A 907 -16.49 32.00 -3.26
C THR A 907 -17.03 30.93 -2.31
N ARG A 908 -17.56 31.33 -1.16
CA ARG A 908 -18.08 30.37 -0.19
C ARG A 908 -17.01 29.38 0.24
N GLU A 909 -15.75 29.82 0.25
CA GLU A 909 -14.67 29.03 0.81
C GLU A 909 -14.88 28.94 2.32
N GLN A 910 -15.33 30.06 2.90
CA GLN A 910 -15.68 30.13 4.30
C GLN A 910 -16.71 29.06 4.66
N LYS A 911 -17.53 28.70 3.69
CA LYS A 911 -18.51 27.64 3.86
C LYS A 911 -17.78 26.34 4.16
N PHE A 912 -16.85 25.96 3.29
CA PHE A 912 -16.04 24.76 3.51
C PHE A 912 -15.17 24.88 4.76
N GLU A 913 -14.72 26.08 5.09
CA GLU A 913 -14.03 26.29 6.35
C GLU A 913 -14.92 25.82 7.50
N THR A 914 -16.12 26.40 7.54
CA THR A 914 -17.09 26.10 8.59
C THR A 914 -17.46 24.61 8.62
N MET A 915 -17.75 24.04 7.45
CA MET A 915 -18.10 22.62 7.38
C MET A 915 -16.95 21.75 7.87
N TYR A 916 -15.74 22.05 7.42
CA TYR A 916 -14.55 21.34 7.87
C TYR A 916 -14.40 21.41 9.38
N ALA A 917 -14.57 22.61 9.94
CA ALA A 917 -14.51 22.79 11.39
C ALA A 917 -15.55 21.91 12.09
N GLN A 918 -16.81 22.03 11.65
CA GLN A 918 -17.87 21.22 12.23
C GLN A 918 -17.58 19.73 12.09
N SER A 919 -16.94 19.37 10.99
CA SER A 919 -16.52 17.97 10.78
C SER A 919 -15.45 17.58 11.78
N LEU A 920 -14.50 18.49 12.02
CA LEU A 920 -13.41 18.24 12.95
C LEU A 920 -13.88 18.22 14.40
N GLN A 921 -14.93 18.99 14.71
CA GLN A 921 -15.39 19.13 16.09
C GLN A 921 -15.63 17.78 16.80
N ILE A 922 -16.11 16.78 16.07
CA ILE A 922 -16.39 15.47 16.69
C ILE A 922 -15.10 14.72 17.06
N PRO A 923 -14.12 14.61 16.13
CA PRO A 923 -12.82 14.04 16.52
C PRO A 923 -12.12 14.77 17.66
N TYR A 924 -12.38 16.06 17.82
CA TYR A 924 -11.74 16.84 18.86
C TYR A 924 -12.20 16.38 20.24
N ARG A 925 -13.51 16.36 20.47
CA ARG A 925 -14.06 15.89 21.72
C ARG A 925 -13.67 14.43 21.97
N ASN A 926 -13.46 13.70 20.88
CA ASN A 926 -13.02 12.31 20.97
C ASN A 926 -11.58 12.22 21.47
N ALA A 927 -10.75 13.16 21.03
CA ALA A 927 -9.35 13.21 21.44
C ALA A 927 -9.20 13.65 22.90
N MET A 928 -10.22 14.30 23.43
CA MET A 928 -10.23 14.71 24.83
C MET A 928 -10.42 13.47 25.71
N LYS A 929 -11.37 12.63 25.30
CA LYS A 929 -11.63 11.38 26.01
C LYS A 929 -10.44 10.42 25.86
N LYS A 930 -9.77 10.48 24.72
CA LYS A 930 -8.63 9.62 24.45
C LYS A 930 -7.57 9.77 25.54
N ALA A 931 -7.27 11.01 25.90
CA ALA A 931 -6.26 11.29 26.92
C ALA A 931 -6.70 10.76 28.28
N HIS A 932 -7.99 10.88 28.56
CA HIS A 932 -8.55 10.38 29.81
C HIS A 932 -8.39 8.86 29.89
N VAL A 933 -8.59 8.18 28.78
CA VAL A 933 -8.48 6.72 28.74
C VAL A 933 -7.04 6.24 28.70
N PHE A 934 -6.23 6.83 27.82
CA PHE A 934 -4.84 6.41 27.65
C PHE A 934 -4.07 6.47 28.96
N GLY A 935 -4.41 7.44 29.80
CA GLY A 935 -3.72 7.63 31.06
C GLY A 935 -4.11 6.58 32.09
N ILE A 936 -5.40 6.30 32.19
CA ILE A 936 -5.91 5.33 33.16
C ILE A 936 -5.37 3.94 32.88
N THR A 937 -5.53 3.48 31.64
CA THR A 937 -5.08 2.13 31.26
C THR A 937 -3.58 1.96 31.47
N PHE A 938 -2.83 3.04 31.26
CA PHE A 938 -1.39 3.01 31.46
C PHE A 938 -1.03 2.92 32.94
N SER A 939 -1.57 3.85 33.73
CA SER A 939 -1.27 3.92 35.15
C SER A 939 -1.76 2.66 35.88
N PHE A 940 -2.89 2.13 35.43
CA PHE A 940 -3.46 0.93 36.04
C PHE A 940 -2.51 -0.25 35.85
N THR A 941 -1.91 -0.34 34.66
CA THR A 941 -1.03 -1.45 34.35
C THR A 941 0.35 -1.28 34.99
N GLN A 942 0.73 -0.04 35.27
CA GLN A 942 1.96 0.21 36.01
C GLN A 942 1.76 -0.02 37.50
N ALA A 943 0.68 0.54 38.04
CA ALA A 943 0.37 0.41 39.46
C ALA A 943 0.20 -1.05 39.85
N MET A 944 -0.49 -1.80 39.00
CA MET A 944 -0.74 -3.21 39.25
C MET A 944 0.56 -4.00 39.35
N MET A 945 1.57 -3.58 38.59
CA MET A 945 2.86 -4.26 38.61
C MET A 945 3.70 -3.87 39.83
N TYR A 946 3.49 -2.65 40.32
CA TYR A 946 4.19 -2.20 41.53
C TYR A 946 3.50 -2.75 42.78
N PHE A 947 2.17 -2.75 42.77
CA PHE A 947 1.40 -3.34 43.86
C PHE A 947 1.64 -4.84 43.93
N SER A 948 1.73 -5.48 42.77
CA SER A 948 2.03 -6.91 42.71
C SER A 948 3.38 -7.16 43.36
N TYR A 949 4.31 -6.25 43.12
CA TYR A 949 5.66 -6.36 43.67
C TYR A 949 5.65 -6.18 45.19
N ALA A 950 4.62 -5.52 45.70
CA ALA A 950 4.46 -5.35 47.14
C ALA A 950 3.93 -6.63 47.78
N ALA A 951 2.89 -7.20 47.18
CA ALA A 951 2.31 -8.45 47.66
C ALA A 951 3.34 -9.56 47.57
N CYS A 952 4.27 -9.43 46.64
CA CYS A 952 5.34 -10.40 46.48
C CYS A 952 6.13 -10.57 47.79
N PHE A 953 6.89 -9.54 48.15
CA PHE A 953 7.73 -9.62 49.33
C PHE A 953 6.94 -9.63 50.62
N ARG A 954 5.71 -9.10 50.58
CA ARG A 954 4.88 -9.05 51.77
C ARG A 954 4.46 -10.47 52.18
N PHE A 955 4.01 -11.25 51.21
CA PHE A 955 3.67 -12.65 51.46
C PHE A 955 4.93 -13.49 51.53
N GLY A 956 5.95 -13.09 50.76
CA GLY A 956 7.24 -13.74 50.82
C GLY A 956 7.83 -13.60 52.21
N ALA A 957 7.71 -12.40 52.77
CA ALA A 957 8.02 -12.17 54.17
C ALA A 957 6.79 -12.52 55.01
N TYR A 958 6.81 -12.16 56.29
CA TYR A 958 5.64 -12.34 57.15
C TYR A 958 5.22 -13.82 57.18
N LEU A 959 4.03 -14.12 56.66
CA LEU A 959 3.44 -15.46 56.77
C LEU A 959 4.36 -16.59 56.30
N VAL A 960 5.11 -16.36 55.23
CA VAL A 960 6.00 -17.39 54.70
C VAL A 960 7.31 -17.45 55.49
N THR A 961 7.87 -16.29 55.83
CA THR A 961 9.17 -16.25 56.52
C THR A 961 9.03 -16.48 58.02
N GLN A 962 7.84 -16.26 58.56
CA GLN A 962 7.59 -16.58 59.97
C GLN A 962 7.57 -18.10 60.11
N GLN A 963 7.13 -18.77 59.05
CA GLN A 963 7.23 -20.22 58.94
C GLN A 963 8.69 -20.59 58.61
N LEU A 964 8.96 -21.88 58.48
CA LEU A 964 10.31 -22.33 58.15
C LEU A 964 10.66 -22.11 56.68
N MET A 965 9.71 -21.65 55.88
CA MET A 965 9.96 -21.36 54.46
C MET A 965 10.92 -20.19 54.32
N THR A 966 11.78 -20.25 53.30
CA THR A 966 12.97 -19.39 53.24
C THR A 966 12.99 -18.39 52.09
N PHE A 967 13.78 -17.34 52.29
CA PHE A 967 13.95 -16.23 51.36
C PHE A 967 14.48 -16.66 49.99
N GLU A 968 15.48 -17.55 50.00
CA GLU A 968 16.10 -18.02 48.77
C GLU A 968 15.08 -18.61 47.81
N ASN A 969 14.04 -19.24 48.35
CA ASN A 969 12.98 -19.81 47.54
C ASN A 969 12.07 -18.72 46.99
N VAL A 970 11.74 -17.77 47.85
CA VAL A 970 10.93 -16.61 47.46
C VAL A 970 11.54 -15.95 46.24
N LEU A 971 12.82 -15.60 46.36
CA LEU A 971 13.57 -14.99 45.27
C LEU A 971 13.56 -15.85 44.01
N LEU A 972 13.48 -17.18 44.19
CA LEU A 972 13.45 -18.11 43.07
C LEU A 972 12.09 -18.10 42.39
N VAL A 973 11.05 -18.13 43.21
CA VAL A 973 9.68 -18.19 42.70
C VAL A 973 9.35 -16.92 41.91
N PHE A 974 9.65 -15.74 42.47
CA PHE A 974 9.36 -14.50 41.75
C PHE A 974 9.96 -14.51 40.36
N SER A 975 11.27 -14.77 40.32
CA SER A 975 12.00 -14.91 39.06
C SER A 975 11.27 -15.85 38.11
N ALA A 976 11.18 -17.11 38.51
CA ALA A 976 10.57 -18.16 37.68
C ALA A 976 9.21 -17.72 37.13
N ILE A 977 8.27 -17.43 38.01
CA ILE A 977 6.91 -17.06 37.61
C ILE A 977 6.87 -15.81 36.71
N VAL A 978 7.46 -14.72 37.16
CA VAL A 978 7.40 -13.48 36.39
C VAL A 978 8.02 -13.70 35.02
N PHE A 979 9.03 -14.57 34.94
CA PHE A 979 9.60 -14.87 33.62
C PHE A 979 8.70 -15.77 32.78
N GLY A 980 8.03 -16.73 33.41
CA GLY A 980 7.00 -17.47 32.72
C GLY A 980 6.06 -16.48 32.06
N ALA A 981 5.65 -15.47 32.82
CA ALA A 981 4.77 -14.43 32.29
C ALA A 981 5.37 -13.66 31.11
N MET A 982 6.54 -13.06 31.33
CA MET A 982 7.18 -12.29 30.26
C MET A 982 7.39 -13.16 29.02
N ALA A 983 7.54 -14.47 29.23
CA ALA A 983 7.64 -15.41 28.12
C ALA A 983 6.27 -15.62 27.48
N VAL A 984 5.22 -15.66 28.31
CA VAL A 984 3.85 -15.78 27.79
C VAL A 984 3.46 -14.55 26.97
N GLY A 985 3.98 -13.38 27.32
CA GLY A 985 3.72 -12.18 26.53
C GLY A 985 3.98 -12.36 25.04
N GLN A 986 5.00 -13.15 24.73
CA GLN A 986 5.36 -13.42 23.34
C GLN A 986 4.29 -14.24 22.63
N VAL A 987 3.38 -14.84 23.39
CA VAL A 987 2.26 -15.56 22.81
C VAL A 987 1.25 -14.57 22.25
N SER A 988 0.98 -13.51 23.01
CA SER A 988 0.08 -12.46 22.57
C SER A 988 0.73 -11.66 21.44
N SER A 989 2.02 -11.39 21.55
CA SER A 989 2.72 -10.66 20.50
C SER A 989 2.72 -11.40 19.16
N PHE A 990 2.78 -12.73 19.19
CA PHE A 990 2.87 -13.54 17.98
C PHE A 990 1.51 -13.96 17.41
N ALA A 991 0.45 -13.46 18.01
CA ALA A 991 -0.91 -13.84 17.62
C ALA A 991 -1.28 -13.53 16.16
N PRO A 992 -0.97 -12.31 15.66
CA PRO A 992 -1.48 -11.95 14.33
C PRO A 992 -0.84 -12.72 13.18
N ASP A 993 0.37 -13.24 13.39
CA ASP A 993 1.09 -13.96 12.35
C ASP A 993 0.30 -15.17 11.85
N TYR A 994 -0.24 -15.95 12.78
CA TYR A 994 -1.02 -17.13 12.40
C TYR A 994 -2.27 -16.72 11.66
N ALA A 995 -2.90 -15.64 12.10
CA ALA A 995 -4.12 -15.14 11.46
C ALA A 995 -3.84 -14.73 10.02
N LYS A 996 -2.83 -13.89 9.83
CA LYS A 996 -2.42 -13.47 8.50
C LYS A 996 -2.04 -14.69 7.66
N ALA A 997 -1.28 -15.60 8.26
CA ALA A 997 -0.87 -16.82 7.59
C ALA A 997 -2.06 -17.73 7.31
N THR A 998 -3.11 -17.62 8.13
CA THR A 998 -4.33 -18.38 7.93
C THR A 998 -5.04 -17.84 6.69
N VAL A 999 -5.25 -16.53 6.67
CA VAL A 999 -5.86 -15.87 5.53
C VAL A 999 -5.06 -16.14 4.26
N SER A 1000 -3.73 -16.16 4.40
CA SER A 1000 -2.86 -16.44 3.27
C SER A 1000 -2.78 -17.93 2.93
N ALA A 1001 -3.00 -18.78 3.94
CA ALA A 1001 -3.04 -20.23 3.71
C ALA A 1001 -4.39 -20.65 3.15
N SER A 1002 -5.39 -19.80 3.33
CA SER A 1002 -6.70 -20.05 2.72
C SER A 1002 -6.61 -20.08 1.20
N HIS A 1003 -6.02 -19.05 0.60
CA HIS A 1003 -5.96 -18.94 -0.85
C HIS A 1003 -5.15 -20.06 -1.49
N ILE A 1004 -4.06 -20.44 -0.82
CA ILE A 1004 -3.05 -21.30 -1.42
C ILE A 1004 -3.52 -22.76 -1.57
N ILE A 1005 -4.48 -23.17 -0.74
CA ILE A 1005 -5.08 -24.49 -0.90
C ILE A 1005 -6.16 -24.45 -1.98
N ARG A 1006 -6.94 -23.38 -1.97
CA ARG A 1006 -8.02 -23.21 -2.93
C ARG A 1006 -7.47 -23.14 -4.35
N ILE A 1007 -6.36 -22.43 -4.51
CA ILE A 1007 -5.74 -22.27 -5.83
C ILE A 1007 -5.24 -23.62 -6.37
N ILE A 1008 -4.83 -24.50 -5.47
CA ILE A 1008 -4.39 -25.83 -5.86
C ILE A 1008 -5.59 -26.72 -6.18
N GLU A 1009 -6.59 -26.70 -5.30
CA GLU A 1009 -7.73 -27.60 -5.45
C GLU A 1009 -8.67 -27.21 -6.59
N LYS A 1010 -8.50 -26.01 -7.15
CA LYS A 1010 -9.33 -25.59 -8.27
C LYS A 1010 -8.96 -26.36 -9.53
N THR A 1011 -9.98 -26.86 -10.23
CA THR A 1011 -9.78 -27.64 -11.45
C THR A 1011 -10.43 -26.92 -12.63
N PRO A 1012 -9.83 -27.06 -13.84
CA PRO A 1012 -10.37 -26.37 -15.01
C PRO A 1012 -11.40 -27.20 -15.78
N GLU A 1013 -11.96 -26.62 -16.83
CA GLU A 1013 -12.82 -27.36 -17.74
C GLU A 1013 -11.96 -28.17 -18.71
N ILE A 1014 -10.92 -27.52 -19.21
CA ILE A 1014 -9.95 -28.16 -20.10
C ILE A 1014 -8.59 -28.22 -19.41
N ASP A 1015 -8.15 -29.43 -19.04
CA ASP A 1015 -6.86 -29.59 -18.37
C ASP A 1015 -5.83 -30.23 -19.31
N SER A 1016 -4.72 -29.54 -19.50
CA SER A 1016 -3.69 -29.97 -20.44
C SER A 1016 -2.94 -31.20 -19.92
N TYR A 1017 -3.09 -31.50 -18.63
CA TYR A 1017 -2.34 -32.58 -18.00
C TYR A 1017 -2.93 -33.96 -18.25
N SER A 1018 -4.24 -34.04 -18.48
CA SER A 1018 -4.91 -35.33 -18.67
C SER A 1018 -4.27 -36.14 -19.79
N THR A 1019 -4.00 -37.41 -19.51
CA THR A 1019 -3.41 -38.31 -20.50
C THR A 1019 -4.48 -38.92 -21.41
N GLN A 1020 -5.73 -38.69 -21.06
CA GLN A 1020 -6.86 -39.17 -21.85
C GLN A 1020 -6.98 -38.45 -23.18
N GLY A 1021 -7.77 -39.04 -24.08
CA GLY A 1021 -7.94 -38.54 -25.43
C GLY A 1021 -7.33 -39.47 -26.46
N LEU A 1022 -7.78 -39.36 -27.69
CA LEU A 1022 -7.61 -40.43 -28.68
C LEU A 1022 -6.19 -40.56 -29.24
N LYS A 1023 -5.57 -39.44 -29.58
CA LYS A 1023 -4.29 -39.45 -30.29
C LYS A 1023 -4.41 -40.24 -31.59
N PRO A 1024 -5.15 -39.71 -32.57
CA PRO A 1024 -5.34 -40.37 -33.87
C PRO A 1024 -4.04 -40.74 -34.58
N ASN A 1025 -4.09 -41.78 -35.42
CA ASN A 1025 -2.91 -42.22 -36.17
C ASN A 1025 -2.78 -41.56 -37.54
N MET A 1026 -3.83 -40.86 -37.97
CA MET A 1026 -3.85 -40.33 -39.33
C MET A 1026 -3.33 -38.90 -39.40
N LEU A 1027 -2.43 -38.67 -40.34
CA LEU A 1027 -1.71 -37.40 -40.47
C LEU A 1027 -2.57 -36.27 -41.02
N GLU A 1028 -3.34 -36.55 -42.07
CA GLU A 1028 -3.94 -35.48 -42.85
C GLU A 1028 -5.01 -34.74 -42.05
N GLY A 1029 -4.81 -33.43 -41.89
CA GLY A 1029 -5.77 -32.60 -41.21
C GLY A 1029 -6.85 -32.05 -42.09
N ASN A 1030 -8.07 -32.03 -41.57
CA ASN A 1030 -9.14 -31.19 -42.08
C ASN A 1030 -9.60 -30.36 -40.90
N VAL A 1031 -10.54 -29.46 -41.09
CA VAL A 1031 -11.15 -28.77 -39.96
C VAL A 1031 -12.63 -28.57 -40.26
N GLN A 1032 -13.46 -28.95 -39.30
CA GLN A 1032 -14.91 -28.81 -39.43
C GLN A 1032 -15.44 -27.90 -38.34
N PHE A 1033 -15.94 -26.74 -38.75
CA PHE A 1033 -16.71 -25.88 -37.86
C PHE A 1033 -18.17 -26.02 -38.27
N SER A 1034 -19.00 -26.42 -37.32
CA SER A 1034 -20.43 -26.64 -37.58
C SER A 1034 -21.30 -25.99 -36.52
N GLY A 1035 -22.11 -25.02 -36.96
CA GLY A 1035 -23.11 -24.39 -36.12
C GLY A 1035 -22.57 -23.93 -34.78
N VAL A 1036 -21.39 -23.33 -34.80
CA VAL A 1036 -20.74 -22.94 -33.54
C VAL A 1036 -21.32 -21.64 -33.00
N VAL A 1037 -21.61 -21.66 -31.70
CA VAL A 1037 -22.02 -20.48 -30.96
C VAL A 1037 -21.00 -20.25 -29.85
N PHE A 1038 -20.48 -19.04 -29.75
CA PHE A 1038 -19.49 -18.73 -28.71
C PHE A 1038 -19.68 -17.36 -28.09
N ASN A 1039 -19.72 -17.33 -26.76
CA ASN A 1039 -19.62 -16.10 -26.00
C ASN A 1039 -18.43 -16.22 -25.05
N TYR A 1040 -17.64 -15.16 -24.93
CA TYR A 1040 -16.47 -15.20 -24.05
C TYR A 1040 -16.90 -15.21 -22.59
N PRO A 1041 -16.30 -16.08 -21.77
CA PRO A 1041 -16.70 -16.17 -20.35
C PRO A 1041 -16.59 -14.85 -19.61
N THR A 1042 -15.67 -13.99 -20.04
CA THR A 1042 -15.46 -12.70 -19.39
C THR A 1042 -16.58 -11.71 -19.74
N ARG A 1043 -17.12 -11.84 -20.94
CA ARG A 1043 -18.14 -10.91 -21.43
C ARG A 1043 -19.28 -11.66 -22.11
N PRO A 1044 -20.14 -12.32 -21.31
CA PRO A 1044 -21.30 -13.04 -21.84
C PRO A 1044 -22.46 -12.09 -22.14
N SER A 1045 -22.20 -11.07 -22.94
CA SER A 1045 -23.22 -10.12 -23.37
C SER A 1045 -23.33 -10.13 -24.89
N ILE A 1046 -22.33 -9.56 -25.55
CA ILE A 1046 -22.28 -9.54 -27.00
C ILE A 1046 -21.61 -10.82 -27.51
N PRO A 1047 -22.37 -11.68 -28.20
CA PRO A 1047 -21.77 -12.91 -28.72
C PRO A 1047 -20.84 -12.65 -29.90
N VAL A 1048 -19.68 -13.32 -29.92
CA VAL A 1048 -18.75 -13.18 -31.03
C VAL A 1048 -19.15 -14.10 -32.19
N LEU A 1049 -19.53 -15.33 -31.87
CA LEU A 1049 -19.89 -16.33 -32.88
C LEU A 1049 -21.30 -16.87 -32.65
N GLN A 1050 -22.10 -16.85 -33.72
CA GLN A 1050 -23.42 -17.44 -33.70
C GLN A 1050 -23.58 -18.35 -34.92
N GLY A 1051 -23.69 -19.64 -34.69
CA GLY A 1051 -23.90 -20.61 -35.76
C GLY A 1051 -22.87 -20.51 -36.87
N LEU A 1052 -21.60 -20.44 -36.50
CA LEU A 1052 -20.52 -20.37 -37.49
C LEU A 1052 -20.24 -21.76 -38.05
N SER A 1053 -20.11 -21.84 -39.37
CA SER A 1053 -19.82 -23.11 -40.04
C SER A 1053 -18.75 -22.99 -41.11
N LEU A 1054 -17.64 -23.70 -40.92
CA LEU A 1054 -16.52 -23.68 -41.88
C LEU A 1054 -16.09 -25.10 -42.22
N GLU A 1055 -15.45 -25.25 -43.37
CA GLU A 1055 -14.72 -26.46 -43.68
C GLU A 1055 -13.50 -26.14 -44.55
N VAL A 1056 -12.39 -26.79 -44.23
CA VAL A 1056 -11.16 -26.64 -45.02
C VAL A 1056 -10.48 -28.00 -45.19
N LYS A 1057 -10.22 -28.40 -46.44
CA LYS A 1057 -9.55 -29.67 -46.72
C LYS A 1057 -8.05 -29.56 -46.45
N LYS A 1058 -7.33 -30.66 -46.64
CA LYS A 1058 -5.90 -30.68 -46.36
C LYS A 1058 -5.12 -29.95 -47.44
N GLY A 1059 -3.92 -29.48 -47.08
CA GLY A 1059 -3.01 -28.88 -48.03
C GLY A 1059 -3.60 -27.74 -48.83
N GLN A 1060 -4.53 -27.01 -48.21
CA GLN A 1060 -5.10 -25.83 -48.84
C GLN A 1060 -5.36 -24.72 -47.83
N THR A 1061 -5.17 -23.49 -48.27
CA THR A 1061 -5.27 -22.32 -47.41
C THR A 1061 -6.72 -21.86 -47.25
N LEU A 1062 -7.12 -21.58 -46.02
CA LEU A 1062 -8.42 -21.00 -45.75
C LEU A 1062 -8.25 -19.56 -45.31
N ALA A 1063 -8.62 -18.63 -46.18
CA ALA A 1063 -8.53 -17.22 -45.87
C ALA A 1063 -9.80 -16.80 -45.16
N LEU A 1064 -9.64 -16.02 -44.10
CA LEU A 1064 -10.80 -15.60 -43.31
C LEU A 1064 -10.88 -14.09 -43.17
N VAL A 1065 -11.92 -13.53 -43.79
CA VAL A 1065 -12.17 -12.09 -43.79
C VAL A 1065 -13.34 -11.78 -42.87
N GLY A 1066 -13.31 -10.62 -42.23
CA GLY A 1066 -14.40 -10.21 -41.36
C GLY A 1066 -14.49 -8.71 -41.20
N SER A 1067 -15.67 -8.22 -40.87
CA SER A 1067 -15.90 -6.81 -40.65
C SER A 1067 -14.97 -6.30 -39.56
N SER A 1068 -14.97 -7.01 -38.43
CA SER A 1068 -14.11 -6.69 -37.29
C SER A 1068 -14.34 -7.70 -36.19
N GLY A 1069 -13.53 -7.61 -35.13
CA GLY A 1069 -13.75 -8.39 -33.93
C GLY A 1069 -12.87 -9.61 -33.82
N CYS A 1070 -12.97 -10.29 -32.68
CA CYS A 1070 -12.16 -11.46 -32.39
C CYS A 1070 -12.74 -12.71 -33.06
N GLY A 1071 -13.86 -12.54 -33.74
CA GLY A 1071 -14.50 -13.63 -34.45
C GLY A 1071 -13.51 -14.33 -35.37
N LYS A 1072 -12.71 -13.56 -36.08
CA LYS A 1072 -11.70 -14.11 -36.96
C LYS A 1072 -10.68 -14.90 -36.17
N SER A 1073 -10.31 -14.39 -34.99
CA SER A 1073 -9.32 -15.02 -34.13
C SER A 1073 -9.91 -16.17 -33.32
N THR A 1074 -11.19 -16.04 -32.95
CA THR A 1074 -11.85 -17.02 -32.11
C THR A 1074 -11.83 -18.40 -32.78
N VAL A 1075 -11.80 -18.41 -34.11
CA VAL A 1075 -11.61 -19.66 -34.85
C VAL A 1075 -10.29 -20.31 -34.42
N VAL A 1076 -9.22 -19.52 -34.51
CA VAL A 1076 -7.89 -20.00 -34.16
C VAL A 1076 -7.82 -20.37 -32.69
N GLN A 1077 -8.50 -19.60 -31.85
CA GLN A 1077 -8.53 -19.88 -30.42
C GLN A 1077 -9.27 -21.17 -30.12
N LEU A 1078 -10.39 -21.37 -30.81
CA LEU A 1078 -11.21 -22.56 -30.57
C LEU A 1078 -10.54 -23.81 -31.13
N LEU A 1079 -9.86 -23.69 -32.26
CA LEU A 1079 -9.15 -24.84 -32.82
C LEU A 1079 -8.00 -25.27 -31.91
N GLU A 1080 -7.38 -24.30 -31.22
CA GLU A 1080 -6.39 -24.60 -30.19
C GLU A 1080 -7.08 -25.15 -28.94
N ARG A 1081 -8.40 -24.98 -28.91
CA ARG A 1081 -9.22 -25.40 -27.78
C ARG A 1081 -8.82 -24.70 -26.49
N PHE A 1082 -8.71 -23.38 -26.55
CA PHE A 1082 -8.60 -22.57 -25.34
C PHE A 1082 -9.96 -22.55 -24.67
N TYR A 1083 -11.00 -22.63 -25.47
CA TYR A 1083 -12.38 -22.70 -25.00
C TYR A 1083 -13.17 -23.79 -25.72
N ASP A 1084 -14.18 -24.33 -25.04
CA ASP A 1084 -15.19 -25.15 -25.69
C ASP A 1084 -16.44 -24.30 -25.93
N PRO A 1085 -16.96 -24.31 -27.17
CA PRO A 1085 -18.09 -23.43 -27.51
C PRO A 1085 -19.37 -23.75 -26.74
N MET A 1086 -20.21 -22.74 -26.51
CA MET A 1086 -21.47 -22.92 -25.81
C MET A 1086 -22.33 -23.99 -26.47
N ALA A 1087 -22.54 -23.82 -27.78
CA ALA A 1087 -23.26 -24.81 -28.58
C ALA A 1087 -22.54 -25.00 -29.90
N GLY A 1088 -22.87 -26.09 -30.58
CA GLY A 1088 -22.19 -26.44 -31.82
C GLY A 1088 -21.04 -27.37 -31.53
N SER A 1089 -20.24 -27.67 -32.55
CA SER A 1089 -19.13 -28.58 -32.38
C SER A 1089 -18.08 -28.35 -33.46
N VAL A 1090 -16.87 -28.85 -33.21
CA VAL A 1090 -15.76 -28.69 -34.14
C VAL A 1090 -14.96 -29.99 -34.25
N PHE A 1091 -14.63 -30.37 -35.48
CA PHE A 1091 -13.90 -31.61 -35.74
C PHE A 1091 -12.62 -31.29 -36.49
N LEU A 1092 -11.68 -32.25 -36.55
CA LEU A 1092 -10.48 -32.08 -37.37
C LEU A 1092 -10.34 -33.23 -38.39
N ASP A 1093 -10.13 -34.45 -37.90
CA ASP A 1093 -10.01 -35.61 -38.78
C ASP A 1093 -11.39 -36.23 -38.98
N GLY A 1094 -12.40 -35.56 -38.43
CA GLY A 1094 -13.75 -36.09 -38.37
C GLY A 1094 -14.09 -36.46 -36.94
N LYS A 1095 -13.08 -36.51 -36.08
CA LYS A 1095 -13.28 -36.71 -34.66
C LYS A 1095 -13.60 -35.36 -34.02
N GLU A 1096 -14.47 -35.36 -33.01
CA GLU A 1096 -14.75 -34.13 -32.28
C GLU A 1096 -13.59 -33.84 -31.35
N ILE A 1097 -12.98 -32.66 -31.49
CA ILE A 1097 -11.82 -32.30 -30.69
C ILE A 1097 -12.13 -32.31 -29.21
N LYS A 1098 -13.40 -32.09 -28.87
CA LYS A 1098 -13.85 -32.10 -27.49
C LYS A 1098 -13.54 -33.43 -26.80
N GLN A 1099 -13.66 -34.52 -27.54
CA GLN A 1099 -13.36 -35.85 -27.02
C GLN A 1099 -11.89 -36.23 -27.28
N LEU A 1100 -11.22 -35.41 -28.07
CA LEU A 1100 -9.82 -35.61 -28.43
C LEU A 1100 -8.87 -35.24 -27.29
N ASN A 1101 -7.64 -35.73 -27.34
CA ASN A 1101 -6.61 -35.32 -26.37
C ASN A 1101 -6.20 -33.88 -26.62
N VAL A 1102 -6.28 -33.06 -25.58
CA VAL A 1102 -5.96 -31.64 -25.69
C VAL A 1102 -4.51 -31.41 -26.13
N GLN A 1103 -3.57 -32.10 -25.50
CA GLN A 1103 -2.16 -31.89 -25.80
C GLN A 1103 -1.86 -32.32 -27.23
N TRP A 1104 -2.32 -33.51 -27.58
CA TRP A 1104 -2.10 -34.04 -28.93
C TRP A 1104 -2.73 -33.12 -29.96
N LEU A 1105 -3.91 -32.59 -29.65
CA LEU A 1105 -4.57 -31.62 -30.51
C LEU A 1105 -3.65 -30.43 -30.73
N ARG A 1106 -3.27 -29.80 -29.63
CA ARG A 1106 -2.43 -28.61 -29.68
C ARG A 1106 -1.06 -28.90 -30.28
N ALA A 1107 -0.62 -30.15 -30.19
CA ALA A 1107 0.68 -30.54 -30.73
C ALA A 1107 0.72 -30.52 -32.25
N GLN A 1108 -0.45 -30.59 -32.89
CA GLN A 1108 -0.53 -30.64 -34.35
C GLN A 1108 -0.77 -29.26 -35.00
N LEU A 1109 -0.80 -28.20 -34.19
CA LEU A 1109 -1.12 -26.87 -34.68
C LEU A 1109 0.09 -25.93 -34.77
N GLY A 1110 0.07 -25.08 -35.80
CA GLY A 1110 1.18 -24.23 -36.20
C GLY A 1110 1.08 -22.77 -35.81
N ILE A 1111 0.37 -22.47 -34.73
CA ILE A 1111 -0.04 -21.10 -34.37
C ILE A 1111 1.07 -20.04 -34.44
N VAL A 1112 0.74 -18.92 -35.08
CA VAL A 1112 1.59 -17.74 -35.18
C VAL A 1112 0.74 -16.50 -34.91
N SER A 1113 1.09 -15.73 -33.88
CA SER A 1113 0.28 -14.58 -33.47
C SER A 1113 0.80 -13.26 -34.02
N GLN A 1114 0.23 -12.16 -33.53
CA GLN A 1114 0.58 -10.81 -33.98
C GLN A 1114 1.96 -10.40 -33.49
N GLU A 1115 2.09 -10.31 -32.16
CA GLU A 1115 3.32 -9.85 -31.54
C GLU A 1115 3.90 -10.99 -30.72
N PRO A 1116 4.72 -11.85 -31.36
CA PRO A 1116 5.21 -13.06 -30.69
C PRO A 1116 6.12 -12.75 -29.52
N ILE A 1117 5.87 -13.41 -28.39
CA ILE A 1117 6.69 -13.23 -27.21
C ILE A 1117 7.77 -14.31 -27.16
N LEU A 1118 9.01 -13.88 -26.95
CA LEU A 1118 10.14 -14.79 -26.84
C LEU A 1118 10.75 -14.69 -25.45
N PHE A 1119 10.91 -15.83 -24.79
CA PHE A 1119 11.44 -15.87 -23.43
C PHE A 1119 12.93 -15.62 -23.47
N ASP A 1120 13.53 -15.24 -22.35
CA ASP A 1120 14.96 -14.95 -22.36
C ASP A 1120 15.74 -16.25 -22.29
N CYS A 1121 16.46 -16.52 -23.38
CA CYS A 1121 17.26 -17.72 -23.55
C CYS A 1121 17.77 -17.71 -24.98
N SER A 1122 18.63 -18.68 -25.32
CA SER A 1122 19.17 -18.78 -26.68
C SER A 1122 18.04 -18.81 -27.70
N ILE A 1123 18.23 -18.11 -28.82
CA ILE A 1123 17.22 -18.09 -29.87
C ILE A 1123 16.96 -19.52 -30.35
N ALA A 1124 17.99 -20.35 -30.28
CA ALA A 1124 17.86 -21.75 -30.62
C ALA A 1124 16.90 -22.43 -29.64
N GLU A 1125 16.87 -21.95 -28.41
CA GLU A 1125 15.94 -22.47 -27.40
C GLU A 1125 14.53 -21.92 -27.62
N ASN A 1126 14.45 -20.73 -28.22
CA ASN A 1126 13.16 -20.17 -28.60
C ASN A 1126 12.59 -20.88 -29.81
N ILE A 1127 13.46 -21.28 -30.73
CA ILE A 1127 13.05 -22.08 -31.89
C ILE A 1127 12.79 -23.52 -31.46
N ALA A 1128 13.61 -24.03 -30.54
CA ALA A 1128 13.44 -25.40 -30.05
C ALA A 1128 12.19 -25.52 -29.18
N TYR A 1129 11.61 -24.38 -28.83
CA TYR A 1129 10.39 -24.35 -28.03
C TYR A 1129 9.19 -24.87 -28.82
N GLY A 1130 9.35 -24.95 -30.14
CA GLY A 1130 8.28 -25.42 -31.01
C GLY A 1130 7.89 -26.86 -30.74
N ASP A 1131 8.85 -27.64 -30.26
CA ASP A 1131 8.64 -29.05 -29.99
C ASP A 1131 9.19 -29.41 -28.62
N ASN A 1132 8.30 -29.88 -27.75
CA ASN A 1132 8.69 -30.28 -26.39
C ASN A 1132 8.53 -31.79 -26.22
N SER A 1133 8.90 -32.29 -25.05
CA SER A 1133 8.98 -33.72 -24.80
C SER A 1133 10.13 -34.37 -25.59
N ARG A 1134 10.78 -33.57 -26.44
CA ARG A 1134 11.94 -34.03 -27.21
C ARG A 1134 12.87 -32.86 -27.47
N VAL A 1135 14.18 -33.12 -27.45
CA VAL A 1135 15.16 -32.10 -27.75
C VAL A 1135 15.34 -31.99 -29.27
N VAL A 1136 15.27 -30.77 -29.78
CA VAL A 1136 15.34 -30.55 -31.22
C VAL A 1136 16.80 -30.49 -31.69
N SER A 1137 17.07 -31.11 -32.83
CA SER A 1137 18.42 -31.15 -33.38
C SER A 1137 18.85 -29.77 -33.88
N TYR A 1138 20.17 -29.58 -34.00
CA TYR A 1138 20.72 -28.32 -34.50
C TYR A 1138 20.35 -28.12 -35.97
N GLU A 1139 20.67 -29.12 -36.79
CA GLU A 1139 20.35 -29.06 -38.22
C GLU A 1139 18.85 -28.88 -38.45
N GLU A 1140 18.05 -29.29 -37.48
CA GLU A 1140 16.60 -29.17 -37.57
C GLU A 1140 16.16 -27.72 -37.36
N ILE A 1141 16.67 -27.09 -36.32
CA ILE A 1141 16.35 -25.68 -36.06
C ILE A 1141 17.05 -24.81 -37.11
N VAL A 1142 18.12 -25.32 -37.69
CA VAL A 1142 18.75 -24.68 -38.83
C VAL A 1142 17.78 -24.72 -40.00
N ARG A 1143 17.30 -25.92 -40.34
CA ARG A 1143 16.33 -26.08 -41.43
C ARG A 1143 15.13 -25.18 -41.21
N ALA A 1144 14.61 -25.17 -39.99
CA ALA A 1144 13.48 -24.31 -39.65
C ALA A 1144 13.86 -22.83 -39.79
N ALA A 1145 15.08 -22.48 -39.38
CA ALA A 1145 15.57 -21.12 -39.53
C ALA A 1145 15.75 -20.78 -41.01
N LYS A 1146 16.07 -21.80 -41.82
CA LYS A 1146 16.25 -21.60 -43.25
C LYS A 1146 14.89 -21.41 -43.91
N GLU A 1147 13.90 -22.17 -43.45
CA GLU A 1147 12.56 -22.09 -43.99
C GLU A 1147 11.90 -20.75 -43.68
N ALA A 1148 12.35 -20.11 -42.59
CA ALA A 1148 11.76 -18.85 -42.13
C ALA A 1148 12.53 -17.63 -42.63
N ASN A 1149 13.61 -17.86 -43.38
CA ASN A 1149 14.42 -16.79 -43.95
C ASN A 1149 15.00 -15.84 -42.91
N ILE A 1150 15.15 -16.32 -41.68
CA ILE A 1150 15.78 -15.54 -40.61
C ILE A 1150 17.29 -15.76 -40.60
N HIS A 1151 17.73 -16.75 -41.37
CA HIS A 1151 19.13 -17.17 -41.36
C HIS A 1151 20.09 -16.03 -41.65
N GLN A 1152 19.61 -14.98 -42.30
CA GLN A 1152 20.42 -13.80 -42.56
C GLN A 1152 20.90 -13.17 -41.25
N PHE A 1153 20.02 -13.13 -40.26
CA PHE A 1153 20.34 -12.58 -38.96
C PHE A 1153 21.20 -13.53 -38.15
N ILE A 1154 20.78 -14.80 -38.09
CA ILE A 1154 21.38 -15.76 -37.18
C ILE A 1154 22.84 -16.02 -37.50
N ASP A 1155 23.19 -16.05 -38.78
CA ASP A 1155 24.57 -16.25 -39.18
C ASP A 1155 25.37 -14.96 -39.04
N SER A 1156 24.67 -13.83 -38.99
CA SER A 1156 25.31 -12.52 -38.88
C SER A 1156 25.74 -12.19 -37.46
N LEU A 1157 24.95 -12.64 -36.48
CA LEU A 1157 25.24 -12.32 -35.08
C LEU A 1157 26.57 -12.92 -34.62
N PRO A 1158 27.23 -12.27 -33.65
CA PRO A 1158 28.49 -12.79 -33.12
C PRO A 1158 28.30 -14.12 -32.40
N ASP A 1159 27.24 -14.24 -31.62
CA ASP A 1159 26.98 -15.46 -30.86
C ASP A 1159 26.24 -16.49 -31.72
N LYS A 1160 25.72 -16.04 -32.85
CA LYS A 1160 24.90 -16.88 -33.73
C LYS A 1160 23.74 -17.49 -32.94
N TYR A 1161 23.48 -18.77 -33.12
CA TYR A 1161 22.30 -19.42 -32.52
C TYR A 1161 22.30 -19.38 -31.00
N ASN A 1162 23.44 -19.05 -30.40
CA ASN A 1162 23.57 -19.00 -28.95
C ASN A 1162 23.24 -17.62 -28.38
N THR A 1163 23.04 -16.63 -29.25
CA THR A 1163 22.74 -15.27 -28.81
C THR A 1163 21.48 -15.24 -27.96
N ARG A 1164 21.44 -14.33 -26.99
CA ARG A 1164 20.28 -14.21 -26.11
C ARG A 1164 19.36 -13.09 -26.58
N VAL A 1165 18.05 -13.33 -26.46
CA VAL A 1165 17.02 -12.41 -26.91
C VAL A 1165 16.01 -12.30 -25.77
N GLY A 1166 15.08 -11.35 -25.87
CA GLY A 1166 14.09 -11.16 -24.81
C GLY A 1166 14.37 -9.95 -23.95
N ASP A 1167 15.21 -9.06 -24.45
CA ASP A 1167 15.44 -7.73 -23.88
C ASP A 1167 16.42 -7.77 -22.72
N LYS A 1168 16.73 -8.95 -22.21
CA LYS A 1168 17.74 -9.07 -21.18
C LYS A 1168 19.13 -8.90 -21.80
N GLY A 1169 19.44 -9.71 -22.82
CA GLY A 1169 20.72 -9.63 -23.49
C GLY A 1169 20.78 -9.00 -24.87
N THR A 1170 19.65 -8.85 -25.56
CA THR A 1170 19.67 -8.29 -26.92
C THR A 1170 18.31 -7.70 -27.32
N GLN A 1171 18.33 -6.82 -28.32
CA GLN A 1171 17.13 -6.23 -28.88
C GLN A 1171 17.00 -6.50 -30.37
N LEU A 1172 15.81 -6.93 -30.80
CA LEU A 1172 15.52 -7.18 -32.21
C LEU A 1172 14.21 -6.50 -32.60
N SER A 1173 14.03 -6.24 -33.89
CA SER A 1173 12.80 -5.63 -34.37
C SER A 1173 11.73 -6.70 -34.57
N GLY A 1174 10.54 -6.29 -34.98
CA GLY A 1174 9.41 -7.19 -35.12
C GLY A 1174 9.62 -8.26 -36.17
N GLY A 1175 10.33 -7.90 -37.24
CA GLY A 1175 10.58 -8.82 -38.33
C GLY A 1175 11.30 -10.07 -37.88
N GLN A 1176 12.44 -9.89 -37.22
CA GLN A 1176 13.23 -11.03 -36.74
C GLN A 1176 12.41 -11.89 -35.80
N LYS A 1177 11.80 -11.26 -34.80
CA LYS A 1177 10.96 -11.94 -33.84
C LYS A 1177 9.89 -12.79 -34.53
N GLN A 1178 9.20 -12.18 -35.49
CA GLN A 1178 8.18 -12.91 -36.23
C GLN A 1178 8.79 -14.08 -36.99
N ARG A 1179 9.89 -13.84 -37.72
CA ARG A 1179 10.53 -14.93 -38.44
C ARG A 1179 10.89 -16.08 -37.50
N ILE A 1180 11.34 -15.74 -36.30
CA ILE A 1180 11.61 -16.76 -35.29
C ILE A 1180 10.31 -17.49 -34.93
N ALA A 1181 9.24 -16.73 -34.68
CA ALA A 1181 7.93 -17.34 -34.42
C ALA A 1181 7.56 -18.32 -35.54
N ILE A 1182 7.78 -17.92 -36.79
CA ILE A 1182 7.55 -18.81 -37.92
C ILE A 1182 8.43 -20.04 -37.79
N ALA A 1183 9.70 -19.84 -37.45
CA ALA A 1183 10.63 -20.96 -37.30
C ALA A 1183 10.13 -21.98 -36.28
N ARG A 1184 9.77 -21.52 -35.07
CA ARG A 1184 9.25 -22.43 -34.05
C ARG A 1184 7.92 -23.02 -34.49
N ALA A 1185 7.16 -22.26 -35.28
CA ALA A 1185 5.92 -22.78 -35.84
C ALA A 1185 6.19 -23.99 -36.73
N LEU A 1186 7.08 -23.85 -37.70
CA LEU A 1186 7.30 -24.92 -38.67
C LEU A 1186 8.44 -25.89 -38.33
N VAL A 1187 9.14 -25.69 -37.22
CA VAL A 1187 10.06 -26.72 -36.73
C VAL A 1187 9.25 -27.89 -36.14
N ARG A 1188 8.06 -27.57 -35.67
CA ARG A 1188 7.12 -28.54 -35.12
C ARG A 1188 6.56 -29.45 -36.20
N GLN A 1189 6.70 -29.02 -37.46
CA GLN A 1189 6.14 -29.72 -38.61
C GLN A 1189 4.64 -29.94 -38.45
N PRO A 1190 3.88 -28.85 -38.24
CA PRO A 1190 2.44 -29.02 -38.02
C PRO A 1190 1.71 -29.33 -39.32
N HIS A 1191 0.56 -29.99 -39.23
CA HIS A 1191 -0.30 -30.19 -40.39
C HIS A 1191 -1.28 -29.03 -40.52
N ILE A 1192 -1.37 -28.21 -39.48
CA ILE A 1192 -2.24 -27.04 -39.50
C ILE A 1192 -1.46 -25.79 -39.06
N LEU A 1193 -1.28 -24.86 -39.98
CA LEU A 1193 -0.70 -23.55 -39.67
C LEU A 1193 -1.82 -22.57 -39.37
N LEU A 1194 -1.63 -21.77 -38.33
CA LEU A 1194 -2.61 -20.75 -37.97
C LEU A 1194 -1.91 -19.40 -37.84
N LEU A 1195 -2.21 -18.51 -38.77
CA LEU A 1195 -1.56 -17.22 -38.84
C LEU A 1195 -2.56 -16.13 -38.43
N ASP A 1196 -2.34 -15.58 -37.24
CA ASP A 1196 -3.25 -14.57 -36.70
C ASP A 1196 -2.64 -13.19 -36.89
N GLU A 1197 -3.14 -12.46 -37.89
CA GLU A 1197 -2.74 -11.08 -38.14
C GLU A 1197 -1.23 -10.91 -38.00
N ALA A 1198 -0.49 -11.86 -38.54
CA ALA A 1198 0.97 -11.92 -38.37
C ALA A 1198 1.67 -10.64 -38.82
N THR A 1199 1.10 -9.97 -39.82
CA THR A 1199 1.69 -8.75 -40.37
C THR A 1199 1.16 -7.49 -39.69
N SER A 1200 0.37 -7.67 -38.63
CA SER A 1200 -0.30 -6.56 -37.95
C SER A 1200 0.63 -5.37 -37.68
N ALA A 1201 1.58 -5.55 -36.76
CA ALA A 1201 2.59 -4.53 -36.50
C ALA A 1201 3.83 -4.82 -37.33
N LEU A 1202 4.06 -3.99 -38.34
CA LEU A 1202 5.12 -4.21 -39.32
C LEU A 1202 5.07 -3.08 -40.35
N ASP A 1203 6.09 -2.99 -41.20
CA ASP A 1203 6.15 -1.94 -42.20
C ASP A 1203 7.06 -2.26 -43.38
N THR A 1204 6.86 -1.54 -44.49
CA THR A 1204 7.73 -1.57 -45.67
C THR A 1204 8.15 -2.98 -46.09
N GLU A 1205 9.44 -3.18 -46.36
CA GLU A 1205 9.94 -4.45 -46.89
C GLU A 1205 9.77 -5.60 -45.90
N SER A 1206 9.69 -5.27 -44.62
CA SER A 1206 9.53 -6.30 -43.58
C SER A 1206 8.28 -7.13 -43.84
N GLU A 1207 7.17 -6.46 -44.12
CA GLU A 1207 5.94 -7.13 -44.49
C GLU A 1207 6.17 -8.02 -45.70
N LYS A 1208 6.94 -7.53 -46.66
CA LYS A 1208 7.20 -8.26 -47.89
C LYS A 1208 7.93 -9.56 -47.60
N VAL A 1209 9.06 -9.47 -46.90
CA VAL A 1209 9.87 -10.66 -46.61
C VAL A 1209 9.13 -11.61 -45.67
N VAL A 1210 8.46 -11.07 -44.65
CA VAL A 1210 7.73 -11.91 -43.71
C VAL A 1210 6.59 -12.61 -44.44
N GLN A 1211 5.90 -11.89 -45.32
CA GLN A 1211 4.82 -12.49 -46.11
C GLN A 1211 5.38 -13.54 -47.05
N GLU A 1212 6.57 -13.27 -47.61
CA GLU A 1212 7.25 -14.24 -48.44
C GLU A 1212 7.48 -15.52 -47.64
N ALA A 1213 8.01 -15.37 -46.43
CA ALA A 1213 8.24 -16.51 -45.54
C ALA A 1213 6.94 -17.26 -45.23
N LEU A 1214 5.93 -16.52 -44.78
CA LEU A 1214 4.64 -17.11 -44.44
C LEU A 1214 4.03 -17.82 -45.64
N ASP A 1215 4.21 -17.25 -46.82
CA ASP A 1215 3.69 -17.85 -48.04
C ASP A 1215 4.45 -19.14 -48.34
N LYS A 1216 5.77 -19.11 -48.19
CA LYS A 1216 6.58 -20.31 -48.35
C LYS A 1216 6.26 -21.35 -47.28
N ALA A 1217 5.81 -20.88 -46.11
CA ALA A 1217 5.47 -21.77 -45.01
C ALA A 1217 4.22 -22.62 -45.27
N ARG A 1218 3.24 -22.02 -45.96
CA ARG A 1218 1.99 -22.72 -46.26
C ARG A 1218 2.06 -23.44 -47.60
N GLU A 1219 0.91 -23.89 -48.09
CA GLU A 1219 0.77 -24.54 -49.40
C GLU A 1219 1.22 -26.01 -49.35
N GLY A 1220 1.93 -26.38 -48.29
CA GLY A 1220 2.27 -27.76 -48.03
C GLY A 1220 1.45 -28.32 -46.88
N ARG A 1221 0.59 -27.49 -46.30
CA ARG A 1221 -0.15 -27.83 -45.09
C ARG A 1221 -1.56 -27.27 -45.13
N THR A 1222 -2.43 -27.79 -44.27
CA THR A 1222 -3.71 -27.15 -44.00
C THR A 1222 -3.39 -25.81 -43.36
N CYS A 1223 -4.18 -24.79 -43.68
CA CYS A 1223 -3.90 -23.44 -43.17
C CYS A 1223 -5.15 -22.60 -42.99
N ILE A 1224 -5.13 -21.73 -41.98
CA ILE A 1224 -6.16 -20.72 -41.79
C ILE A 1224 -5.49 -19.36 -41.59
N VAL A 1225 -5.71 -18.45 -42.53
CA VAL A 1225 -5.06 -17.13 -42.50
C VAL A 1225 -6.09 -16.00 -42.39
N ILE A 1226 -6.03 -15.29 -41.26
CA ILE A 1226 -6.92 -14.16 -40.99
C ILE A 1226 -6.30 -12.78 -41.29
N ALA A 1227 -5.12 -12.77 -41.90
CA ALA A 1227 -4.34 -11.54 -42.07
C ALA A 1227 -5.15 -10.41 -42.72
N HIS A 1228 -4.83 -9.18 -42.34
CA HIS A 1228 -5.64 -8.01 -42.71
C HIS A 1228 -5.28 -7.43 -44.08
N ARG A 1229 -4.23 -7.96 -44.71
CA ARG A 1229 -3.89 -7.52 -46.06
C ARG A 1229 -4.59 -8.43 -47.06
N LEU A 1230 -5.60 -7.89 -47.74
CA LEU A 1230 -6.40 -8.70 -48.63
C LEU A 1230 -5.71 -8.84 -49.99
N SER A 1231 -4.72 -8.00 -50.23
CA SER A 1231 -3.91 -8.13 -51.43
C SER A 1231 -3.10 -9.41 -51.38
N THR A 1232 -2.79 -9.86 -50.17
CA THR A 1232 -2.02 -11.08 -49.97
C THR A 1232 -2.92 -12.31 -49.79
N ILE A 1233 -4.24 -12.07 -49.73
CA ILE A 1233 -5.22 -13.15 -49.69
C ILE A 1233 -5.68 -13.51 -51.11
N GLN A 1234 -5.33 -12.67 -52.08
CA GLN A 1234 -5.78 -12.84 -53.45
C GLN A 1234 -5.48 -14.24 -53.97
N ASN A 1235 -4.42 -14.85 -53.46
CA ASN A 1235 -4.20 -16.27 -53.66
C ASN A 1235 -4.57 -17.02 -52.39
N ALA A 1236 -5.72 -17.67 -52.43
CA ALA A 1236 -6.20 -18.48 -51.33
C ALA A 1236 -7.14 -19.52 -51.90
N ASP A 1237 -7.17 -20.71 -51.31
CA ASP A 1237 -8.03 -21.76 -51.83
C ASP A 1237 -9.49 -21.44 -51.50
N LEU A 1238 -9.72 -20.94 -50.30
CA LEU A 1238 -11.07 -20.52 -49.90
C LEU A 1238 -11.02 -19.24 -49.08
N ILE A 1239 -11.78 -18.24 -49.51
CA ILE A 1239 -11.97 -17.01 -48.73
C ILE A 1239 -13.35 -17.08 -48.07
N VAL A 1240 -13.44 -16.66 -46.82
CA VAL A 1240 -14.70 -16.72 -46.09
C VAL A 1240 -14.97 -15.43 -45.31
N VAL A 1241 -16.04 -14.73 -45.72
CA VAL A 1241 -16.44 -13.49 -45.05
C VAL A 1241 -17.30 -13.80 -43.83
N ILE A 1242 -16.87 -13.35 -42.66
CA ILE A 1242 -17.64 -13.54 -41.43
C ILE A 1242 -18.52 -12.32 -41.17
N GLN A 1243 -19.77 -12.58 -40.80
CA GLN A 1243 -20.73 -11.55 -40.48
C GLN A 1243 -21.53 -11.94 -39.24
N ASN A 1244 -21.41 -11.16 -38.17
CA ASN A 1244 -22.22 -11.37 -36.97
C ASN A 1244 -22.09 -12.79 -36.44
N GLY A 1245 -20.96 -13.43 -36.72
CA GLY A 1245 -20.72 -14.80 -36.29
C GLY A 1245 -21.12 -15.83 -37.32
N LYS A 1246 -22.00 -15.45 -38.25
CA LYS A 1246 -22.39 -16.36 -39.33
C LYS A 1246 -21.49 -16.14 -40.53
N VAL A 1247 -21.10 -17.22 -41.21
CA VAL A 1247 -20.44 -17.06 -42.50
C VAL A 1247 -21.43 -16.44 -43.48
N LYS A 1248 -21.03 -15.34 -44.09
CA LYS A 1248 -21.90 -14.59 -45.00
C LYS A 1248 -21.59 -14.94 -46.44
N GLU A 1249 -20.38 -14.60 -46.88
CA GLU A 1249 -19.92 -14.93 -48.21
C GLU A 1249 -18.75 -15.90 -48.12
N HIS A 1250 -18.68 -16.84 -49.06
CA HIS A 1250 -17.51 -17.70 -49.16
C HIS A 1250 -17.33 -18.20 -50.59
N GLY A 1251 -16.07 -18.39 -50.97
CA GLY A 1251 -15.74 -18.84 -52.31
C GLY A 1251 -14.33 -18.38 -52.68
N THR A 1252 -13.86 -18.76 -53.86
CA THR A 1252 -12.57 -18.31 -54.33
C THR A 1252 -12.62 -16.82 -54.62
N HIS A 1253 -11.45 -16.19 -54.69
CA HIS A 1253 -11.35 -14.75 -54.90
C HIS A 1253 -12.19 -14.27 -56.08
N GLN A 1254 -11.98 -14.87 -57.25
CA GLN A 1254 -12.66 -14.43 -58.46
C GLN A 1254 -14.17 -14.64 -58.38
N GLN A 1255 -14.61 -15.58 -57.55
CA GLN A 1255 -16.04 -15.80 -57.35
C GLN A 1255 -16.65 -14.72 -56.48
N LEU A 1256 -15.98 -14.41 -55.37
CA LEU A 1256 -16.40 -13.32 -54.51
C LEU A 1256 -16.27 -11.99 -55.24
N LEU A 1257 -15.34 -11.94 -56.19
CA LEU A 1257 -15.12 -10.74 -56.99
C LEU A 1257 -16.17 -10.67 -58.09
N ALA A 1258 -16.54 -11.81 -58.65
CA ALA A 1258 -17.62 -11.87 -59.63
C ALA A 1258 -18.91 -11.41 -58.96
N GLN A 1259 -19.12 -11.87 -57.74
CA GLN A 1259 -20.19 -11.38 -56.91
C GLN A 1259 -19.89 -9.94 -56.53
N LYS A 1260 -20.92 -9.18 -56.18
CA LYS A 1260 -20.75 -7.80 -55.75
C LYS A 1260 -21.41 -7.65 -54.38
N GLY A 1261 -20.59 -7.42 -53.37
CA GLY A 1261 -21.05 -7.51 -51.99
C GLY A 1261 -19.94 -7.15 -51.02
N ILE A 1262 -20.06 -7.64 -49.79
CA ILE A 1262 -19.14 -7.26 -48.71
C ILE A 1262 -17.68 -7.38 -49.12
N TYR A 1263 -17.27 -8.56 -49.57
CA TYR A 1263 -15.86 -8.79 -49.91
C TYR A 1263 -15.36 -7.81 -50.96
N PHE A 1264 -16.22 -7.52 -51.94
CA PHE A 1264 -15.90 -6.56 -52.99
C PHE A 1264 -15.60 -5.19 -52.39
N SER A 1265 -16.41 -4.77 -51.42
CA SER A 1265 -16.18 -3.52 -50.72
C SER A 1265 -14.92 -3.58 -49.87
N MET A 1266 -14.76 -4.66 -49.12
CA MET A 1266 -13.57 -4.88 -48.29
C MET A 1266 -12.31 -4.69 -49.13
N VAL A 1267 -12.31 -5.29 -50.32
CA VAL A 1267 -11.16 -5.17 -51.21
C VAL A 1267 -11.06 -3.78 -51.83
N SER A 1268 -12.18 -3.25 -52.31
CA SER A 1268 -12.16 -1.96 -53.00
C SER A 1268 -11.66 -0.83 -52.08
N VAL A 1269 -12.15 -0.80 -50.85
CA VAL A 1269 -11.81 0.30 -49.94
C VAL A 1269 -10.30 0.34 -49.67
N GLN A 1270 -9.70 -0.80 -49.36
CA GLN A 1270 -8.27 -0.83 -49.06
C GLN A 1270 -7.42 -0.88 -50.32
N ALA A 1271 -8.01 -1.32 -51.44
CA ALA A 1271 -7.31 -1.32 -52.71
C ALA A 1271 -7.25 0.11 -53.25
N GLY A 1272 -8.25 0.91 -52.89
CA GLY A 1272 -8.25 2.32 -53.24
C GLY A 1272 -7.12 3.08 -52.55
N ALA A 1273 -6.56 2.50 -51.50
CA ALA A 1273 -5.50 3.15 -50.74
C ALA A 1273 -4.14 3.07 -51.44
N LYS A 1274 -3.79 1.88 -51.93
CA LYS A 1274 -2.50 1.68 -52.59
C LYS A 1274 -2.41 2.53 -53.85
N ARG A 1275 -3.51 2.60 -54.59
CA ARG A 1275 -3.58 3.43 -55.79
C ARG A 1275 -3.53 4.90 -55.43
N SER A 1276 -4.03 5.23 -54.25
CA SER A 1276 -4.09 6.62 -53.79
C SER A 1276 -2.74 7.12 -53.29
N LEU A 1277 -1.92 6.20 -52.79
CA LEU A 1277 -0.64 6.57 -52.19
C LEU A 1277 0.34 7.12 -53.23
N GLU A 1278 0.05 6.89 -54.51
CA GLU A 1278 0.89 7.39 -55.59
C GLU A 1278 0.95 8.91 -55.57
N PHE B 2 14.83 -9.48 33.94
CA PHE B 2 15.42 -8.76 32.80
C PHE B 2 15.54 -9.72 31.63
N PHE B 4 17.00 -13.26 32.01
CA PHE B 4 17.58 -14.56 32.41
C PHE B 4 16.46 -15.14 33.23
N PHE B 6 15.12 -13.35 36.53
CA PHE B 6 14.52 -12.58 37.63
C PHE B 6 13.54 -11.67 36.90
N PHE C 2 11.16 -4.86 36.85
CA PHE C 2 12.10 -5.83 37.44
C PHE C 2 13.47 -5.47 36.97
N PHE C 4 14.31 -4.68 33.29
CA PHE C 4 14.46 -4.39 31.86
C PHE C 4 13.80 -3.04 31.82
N PHE C 6 10.08 -2.79 32.79
CA PHE C 6 8.69 -2.86 33.24
C PHE C 6 8.70 -2.73 34.74
#